data_2SFP
#
_entry.id   2SFP
#
_cell.length_a   98.700
_cell.length_b   90.000
_cell.length_c   85.200
_cell.angle_alpha   90.00
_cell.angle_beta   90.00
_cell.angle_gamma   90.00
#
_symmetry.space_group_name_H-M   'P 21 21 21'
#
loop_
_entity.id
_entity.type
_entity.pdbx_description
1 polymer 'PROTEIN (ALANINE RACEMASE)'
2 non-polymer "PYRIDOXAL-5'-PHOSPHATE"
3 non-polymer 'PROPANOIC ACID'
4 water water
#
_entity_poly.entity_id   1
_entity_poly.type   'polypeptide(L)'
_entity_poly.pdbx_seq_one_letter_code
;MNDFHRDTWAEVDLDAIYDNVENLRRLLPDDTHIMAVVKANAYGHGDVQVARTALEAGASRLAVAFLDEALALREKGIEA
PILVLGASRPADAALAAQQRIALTVFRSDWLEEASALYSGPFPIHFHL(KCX)MDTGMGRLGVKDEEETKRIVALIERHP
HFVLEGLYTHFATADEVNTDYFSYQYTRFLHMLEWLPSRPPLVHCANSAASLRFPDRTFNMVRFGIAMYGLAPSPGIKPL
LPYPLKEAFSLHSRLVHVKKLQPGEKVSYGATYTAQTEEWIGTIPIGYADGWLRRLQHFHVLVDGQKAPIVGRICMDQCM
IRLPGPLPVGTKVTLIGRQGDEVISIDDVARHLETINYEVPCTISYRVPRIFFRHKRIMEVRNAIGRGESSA
;
_entity_poly.pdbx_strand_id   A,B
#
loop_
_chem_comp.id
_chem_comp.type
_chem_comp.name
_chem_comp.formula
PLP non-polymer PYRIDOXAL-5'-PHOSPHATE 'C8 H10 N O6 P'
PPI non-polymer 'PROPANOIC ACID' 'C3 H6 O2'
#
# COMPACT_ATOMS: atom_id res chain seq x y z
N ASP A 3 11.73 -12.27 -11.35
CA ASP A 3 12.49 -11.18 -12.05
C ASP A 3 11.88 -9.80 -11.84
N PHE A 4 12.73 -8.79 -11.75
CA PHE A 4 12.24 -7.43 -11.58
C PHE A 4 13.11 -6.46 -12.40
N HIS A 5 12.49 -5.42 -12.95
CA HIS A 5 13.19 -4.48 -13.82
C HIS A 5 13.29 -3.00 -13.41
N ARG A 6 13.33 -2.78 -12.11
CA ARG A 6 13.50 -1.44 -11.54
C ARG A 6 14.44 -1.67 -10.39
N ASP A 7 15.40 -0.78 -10.19
CA ASP A 7 16.35 -0.97 -9.11
C ASP A 7 15.90 -0.52 -7.74
N THR A 8 14.72 -0.99 -7.34
CA THR A 8 14.17 -0.72 -6.02
C THR A 8 13.64 -2.06 -5.51
N TRP A 9 14.05 -2.43 -4.31
CA TRP A 9 13.63 -3.70 -3.74
C TRP A 9 13.79 -3.78 -2.23
N ALA A 10 13.01 -4.67 -1.63
CA ALA A 10 13.06 -4.91 -0.20
C ALA A 10 13.75 -6.25 0.00
N GLU A 11 14.43 -6.41 1.13
CA GLU A 11 15.09 -7.66 1.46
C GLU A 11 14.48 -8.15 2.76
N VAL A 12 14.18 -9.46 2.83
CA VAL A 12 13.59 -10.06 4.00
C VAL A 12 14.50 -11.22 4.44
N ASP A 13 15.08 -11.07 5.63
CA ASP A 13 15.99 -12.05 6.20
C ASP A 13 15.21 -13.10 7.00
N LEU A 14 14.96 -14.25 6.38
CA LEU A 14 14.20 -15.32 7.03
C LEU A 14 14.97 -15.97 8.17
N ASP A 15 16.28 -15.77 8.19
CA ASP A 15 17.11 -16.30 9.27
C ASP A 15 16.74 -15.54 10.56
N ALA A 16 16.50 -14.24 10.41
CA ALA A 16 16.13 -13.39 11.55
C ALA A 16 14.77 -13.84 12.08
N ILE A 17 13.83 -14.08 11.17
CA ILE A 17 12.50 -14.51 11.57
C ILE A 17 12.60 -15.87 12.25
N TYR A 18 13.44 -16.74 11.70
CA TYR A 18 13.63 -18.06 12.27
C TYR A 18 14.09 -17.95 13.72
N ASP A 19 15.14 -17.15 13.96
CA ASP A 19 15.67 -16.97 15.31
C ASP A 19 14.68 -16.35 16.30
N ASN A 20 13.89 -15.38 15.84
CA ASN A 20 12.91 -14.72 16.72
C ASN A 20 11.88 -15.71 17.22
N VAL A 21 11.49 -16.64 16.36
CA VAL A 21 10.50 -17.65 16.75
C VAL A 21 11.15 -18.76 17.59
N GLU A 22 12.30 -19.26 17.16
CA GLU A 22 12.96 -20.33 17.91
C GLU A 22 13.28 -19.90 19.34
N ASN A 23 13.65 -18.65 19.51
CA ASN A 23 13.96 -18.16 20.85
C ASN A 23 12.72 -18.17 21.73
N LEU A 24 11.57 -17.89 21.13
CA LEU A 24 10.33 -17.90 21.90
C LEU A 24 9.96 -19.35 22.20
N ARG A 25 10.20 -20.24 21.23
CA ARG A 25 9.90 -21.65 21.41
C ARG A 25 10.70 -22.16 22.60
N ARG A 26 11.92 -21.65 22.74
CA ARG A 26 12.82 -22.02 23.83
C ARG A 26 12.38 -21.47 25.18
N LEU A 27 11.54 -20.44 25.16
CA LEU A 27 11.08 -19.80 26.38
C LEU A 27 9.72 -20.29 26.90
N LEU A 28 8.89 -20.83 26.01
CA LEU A 28 7.59 -21.32 26.41
C LEU A 28 7.55 -22.77 26.85
N PRO A 29 6.55 -23.14 27.68
CA PRO A 29 6.44 -24.51 28.14
C PRO A 29 6.22 -25.35 26.87
N ASP A 30 6.72 -26.59 26.86
CA ASP A 30 6.63 -27.46 25.71
C ASP A 30 5.22 -27.91 25.33
N ASP A 31 4.25 -27.46 26.09
CA ASP A 31 2.87 -27.80 25.84
C ASP A 31 2.20 -26.63 25.11
N THR A 32 2.86 -25.49 25.15
CA THR A 32 2.34 -24.27 24.56
C THR A 32 2.64 -24.12 23.07
N HIS A 33 1.58 -23.94 22.28
CA HIS A 33 1.68 -23.78 20.85
C HIS A 33 1.99 -22.34 20.51
N ILE A 34 2.75 -22.14 19.44
CA ILE A 34 3.06 -20.79 18.97
C ILE A 34 2.24 -20.65 17.70
N MET A 35 1.35 -19.65 17.68
CA MET A 35 0.53 -19.40 16.51
C MET A 35 1.16 -18.18 15.84
N ALA A 36 1.79 -18.39 14.68
CA ALA A 36 2.43 -17.33 13.95
C ALA A 36 1.38 -16.43 13.27
N VAL A 37 1.37 -15.14 13.61
CA VAL A 37 0.40 -14.21 13.01
C VAL A 37 1.00 -13.66 11.74
N VAL A 38 0.36 -14.03 10.64
CA VAL A 38 0.86 -13.71 9.32
C VAL A 38 -0.13 -12.94 8.41
N LYS A 39 -1.02 -12.18 9.06
CA LYS A 39 -2.02 -11.35 8.34
C LYS A 39 -1.33 -10.21 7.60
N ALA A 40 -2.01 -9.62 6.64
CA ALA A 40 -1.46 -8.50 5.88
C ALA A 40 -0.16 -8.89 5.16
N ASN A 41 -0.17 -10.07 4.52
CA ASN A 41 0.99 -10.60 3.80
C ASN A 41 2.19 -10.68 4.75
N ALA A 42 1.95 -11.18 5.96
CA ALA A 42 2.99 -11.29 6.96
C ALA A 42 3.56 -9.90 7.29
N TYR A 43 2.67 -8.96 7.58
CA TYR A 43 3.08 -7.59 7.91
C TYR A 43 3.98 -7.03 6.83
N GLY A 44 3.62 -7.30 5.58
CA GLY A 44 4.39 -6.82 4.44
C GLY A 44 5.71 -7.54 4.20
N HIS A 45 5.92 -8.71 4.78
CA HIS A 45 7.18 -9.45 4.60
C HIS A 45 7.06 -10.63 3.60
N GLY A 46 5.84 -11.07 3.31
CA GLY A 46 5.63 -12.20 2.40
C GLY A 46 4.95 -13.32 3.17
N ASP A 47 3.67 -13.55 2.92
CA ASP A 47 2.91 -14.57 3.64
C ASP A 47 3.43 -15.99 3.68
N VAL A 48 3.61 -16.63 2.53
CA VAL A 48 4.09 -18.01 2.52
C VAL A 48 5.54 -18.16 2.98
N GLN A 49 6.40 -17.23 2.58
CA GLN A 49 7.80 -17.29 2.97
C GLN A 49 7.98 -17.21 4.48
N VAL A 50 7.18 -16.37 5.14
CA VAL A 50 7.30 -16.24 6.60
C VAL A 50 6.59 -17.40 7.29
N ALA A 51 5.43 -17.78 6.76
CA ALA A 51 4.67 -18.89 7.34
C ALA A 51 5.52 -20.14 7.38
N ARG A 52 6.18 -20.45 6.27
CA ARG A 52 7.04 -21.63 6.18
C ARG A 52 8.14 -21.59 7.22
N THR A 53 8.94 -20.52 7.20
CA THR A 53 10.04 -20.38 8.16
C THR A 53 9.58 -20.51 9.60
N ALA A 54 8.47 -19.86 9.94
CA ALA A 54 7.92 -19.90 11.29
C ALA A 54 7.60 -21.34 11.70
N LEU A 55 6.97 -22.08 10.80
CA LEU A 55 6.62 -23.47 11.08
C LEU A 55 7.88 -24.30 11.33
N GLU A 56 8.92 -24.04 10.56
CA GLU A 56 10.18 -24.76 10.72
C GLU A 56 10.83 -24.46 12.05
N ALA A 57 10.61 -23.23 12.54
CA ALA A 57 11.21 -22.79 13.79
C ALA A 57 10.48 -23.24 15.07
N GLY A 58 9.25 -23.73 14.94
CA GLY A 58 8.56 -24.18 16.14
C GLY A 58 7.09 -23.81 16.26
N ALA A 59 6.61 -23.00 15.33
CA ALA A 59 5.20 -22.61 15.34
C ALA A 59 4.46 -23.84 14.85
N SER A 60 3.21 -24.00 15.27
CA SER A 60 2.40 -25.14 14.86
C SER A 60 1.10 -24.70 14.20
N ARG A 61 0.81 -23.40 14.24
CA ARG A 61 -0.41 -22.88 13.64
C ARG A 61 -0.16 -21.49 13.08
N LEU A 62 -1.08 -21.04 12.25
CA LEU A 62 -0.96 -19.72 11.63
C LEU A 62 -2.27 -18.96 11.81
N ALA A 63 -2.19 -17.62 11.78
CA ALA A 63 -3.38 -16.78 11.93
C ALA A 63 -3.39 -15.69 10.88
N VAL A 64 -4.57 -15.41 10.33
CA VAL A 64 -4.73 -14.35 9.32
C VAL A 64 -5.89 -13.46 9.71
N ALA A 65 -6.06 -12.35 9.00
CA ALA A 65 -7.13 -11.41 9.29
C ALA A 65 -8.50 -11.80 8.76
N PHE A 66 -8.57 -12.17 7.48
CA PHE A 66 -9.84 -12.54 6.89
C PHE A 66 -9.70 -13.74 5.96
N LEU A 67 -10.83 -14.34 5.58
CA LEU A 67 -10.83 -15.55 4.74
C LEU A 67 -9.91 -15.59 3.53
N ASP A 68 -9.91 -14.53 2.72
CA ASP A 68 -9.06 -14.47 1.52
C ASP A 68 -7.59 -14.74 1.82
N GLU A 69 -7.11 -14.24 2.94
CA GLU A 69 -5.72 -14.43 3.34
C GLU A 69 -5.40 -15.90 3.64
N ALA A 70 -6.38 -16.62 4.19
CA ALA A 70 -6.22 -18.03 4.52
C ALA A 70 -6.27 -18.90 3.27
N LEU A 71 -7.19 -18.58 2.36
CA LEU A 71 -7.32 -19.35 1.13
C LEU A 71 -6.04 -19.19 0.33
N ALA A 72 -5.45 -18.01 0.38
CA ALA A 72 -4.22 -17.75 -0.36
C ALA A 72 -3.06 -18.58 0.18
N LEU A 73 -3.05 -18.82 1.48
CA LEU A 73 -1.97 -19.62 2.05
C LEU A 73 -2.16 -21.07 1.63
N ARG A 74 -3.41 -21.51 1.58
CA ARG A 74 -3.75 -22.88 1.19
C ARG A 74 -3.35 -23.13 -0.25
N GLU A 75 -3.55 -22.11 -1.09
CA GLU A 75 -3.24 -22.17 -2.51
C GLU A 75 -1.74 -22.23 -2.78
N LYS A 76 -0.96 -21.65 -1.88
CA LYS A 76 0.49 -21.65 -2.01
C LYS A 76 1.09 -22.86 -1.34
N GLY A 77 0.23 -23.82 -1.00
CA GLY A 77 0.70 -25.05 -0.41
C GLY A 77 0.84 -25.20 1.10
N ILE A 78 0.41 -24.23 1.89
CA ILE A 78 0.54 -24.40 3.34
C ILE A 78 -0.55 -25.35 3.81
N GLU A 79 -0.17 -26.37 4.57
CA GLU A 79 -1.14 -27.37 5.04
C GLU A 79 -1.40 -27.36 6.54
N ALA A 80 -0.71 -26.47 7.26
CA ALA A 80 -0.88 -26.37 8.70
C ALA A 80 -2.18 -25.62 8.98
N PRO A 81 -2.70 -25.78 10.21
CA PRO A 81 -3.95 -25.13 10.63
C PRO A 81 -3.87 -23.60 10.54
N ILE A 82 -4.99 -23.00 10.17
CA ILE A 82 -5.07 -21.55 10.02
C ILE A 82 -6.34 -21.02 10.68
N LEU A 83 -6.20 -19.99 11.52
CA LEU A 83 -7.34 -19.38 12.18
C LEU A 83 -7.56 -17.99 11.64
N VAL A 84 -8.80 -17.70 11.25
CA VAL A 84 -9.18 -16.39 10.75
C VAL A 84 -9.56 -15.62 12.02
N LEU A 85 -8.79 -14.58 12.33
CA LEU A 85 -9.01 -13.76 13.52
C LEU A 85 -10.20 -12.81 13.44
N GLY A 86 -10.55 -12.38 12.24
CA GLY A 86 -11.65 -11.46 12.05
C GLY A 86 -12.97 -12.09 11.68
N ALA A 87 -13.90 -11.29 11.17
CA ALA A 87 -15.21 -11.80 10.79
C ALA A 87 -15.25 -12.39 9.38
N SER A 88 -16.30 -13.18 9.13
CA SER A 88 -16.52 -13.82 7.84
C SER A 88 -18.02 -13.98 7.66
N ARG A 89 -18.44 -14.32 6.45
CA ARG A 89 -19.86 -14.49 6.16
C ARG A 89 -20.32 -15.89 6.51
N PRO A 90 -21.50 -16.00 7.15
CA PRO A 90 -22.05 -17.31 7.53
C PRO A 90 -22.12 -18.25 6.33
N ALA A 91 -22.41 -17.68 5.16
CA ALA A 91 -22.52 -18.45 3.93
C ALA A 91 -21.16 -18.92 3.40
N ASP A 92 -20.09 -18.53 4.08
CA ASP A 92 -18.73 -18.90 3.68
C ASP A 92 -18.18 -20.01 4.56
N ALA A 93 -18.97 -20.43 5.55
CA ALA A 93 -18.56 -21.48 6.48
C ALA A 93 -18.19 -22.78 5.78
N ALA A 94 -18.97 -23.20 4.81
CA ALA A 94 -18.71 -24.44 4.07
C ALA A 94 -17.34 -24.37 3.39
N LEU A 95 -17.04 -23.21 2.82
CA LEU A 95 -15.76 -22.97 2.14
C LEU A 95 -14.59 -23.11 3.13
N ALA A 96 -14.73 -22.51 4.30
CA ALA A 96 -13.70 -22.57 5.32
C ALA A 96 -13.59 -23.98 5.88
N ALA A 97 -14.73 -24.66 5.97
CA ALA A 97 -14.80 -26.03 6.48
C ALA A 97 -14.02 -26.99 5.60
N GLN A 98 -14.30 -26.96 4.30
CA GLN A 98 -13.62 -27.87 3.41
C GLN A 98 -12.16 -27.50 3.12
N GLN A 99 -11.74 -26.31 3.55
CA GLN A 99 -10.36 -25.88 3.33
C GLN A 99 -9.66 -26.01 4.67
N ARG A 100 -10.37 -26.56 5.64
CA ARG A 100 -9.83 -26.77 6.98
C ARG A 100 -9.34 -25.46 7.59
N ILE A 101 -10.18 -24.44 7.51
CA ILE A 101 -9.86 -23.15 8.08
C ILE A 101 -10.74 -22.90 9.29
N ALA A 102 -10.14 -22.58 10.43
CA ALA A 102 -10.90 -22.32 11.65
C ALA A 102 -11.42 -20.88 11.65
N LEU A 103 -12.60 -20.66 12.19
CA LEU A 103 -13.20 -19.31 12.22
C LEU A 103 -13.43 -18.74 13.62
N THR A 104 -13.34 -17.42 13.71
CA THR A 104 -13.57 -16.71 14.96
C THR A 104 -15.06 -16.45 14.99
N VAL A 105 -15.70 -16.66 16.15
CA VAL A 105 -17.13 -16.43 16.28
C VAL A 105 -17.35 -15.59 17.54
N PHE A 106 -18.35 -14.70 17.50
CA PHE A 106 -18.66 -13.82 18.62
C PHE A 106 -20.12 -13.36 18.70
N ARG A 107 -20.98 -13.90 17.84
CA ARG A 107 -22.39 -13.53 17.83
C ARG A 107 -23.26 -14.75 17.66
N SER A 108 -24.34 -14.82 18.42
CA SER A 108 -25.26 -15.94 18.32
C SER A 108 -26.10 -15.90 17.06
N ASP A 109 -26.34 -14.72 16.49
CA ASP A 109 -27.14 -14.66 15.26
C ASP A 109 -26.36 -15.15 14.03
N TRP A 110 -25.02 -15.10 14.12
CA TRP A 110 -24.15 -15.57 13.05
C TRP A 110 -24.29 -17.09 12.99
N LEU A 111 -24.20 -17.72 14.16
CA LEU A 111 -24.31 -19.17 14.27
C LEU A 111 -25.68 -19.66 13.81
N GLU A 112 -26.72 -18.99 14.25
CA GLU A 112 -28.07 -19.38 13.83
C GLU A 112 -28.11 -19.40 12.31
N GLU A 113 -27.54 -18.38 11.69
CA GLU A 113 -27.54 -18.31 10.24
C GLU A 113 -26.68 -19.40 9.62
N ALA A 114 -25.49 -19.57 10.15
CA ALA A 114 -24.57 -20.59 9.65
C ALA A 114 -25.20 -21.96 9.73
N SER A 115 -25.95 -22.22 10.80
CA SER A 115 -26.61 -23.50 11.01
C SER A 115 -27.62 -23.81 9.92
N ALA A 116 -28.35 -22.79 9.50
CA ALA A 116 -29.36 -22.95 8.46
C ALA A 116 -28.72 -23.18 7.10
N LEU A 117 -27.50 -22.66 6.96
CA LEU A 117 -26.75 -22.76 5.71
C LEU A 117 -25.88 -24.01 5.57
N TYR A 118 -25.41 -24.55 6.69
CA TYR A 118 -24.50 -25.69 6.65
C TYR A 118 -24.94 -26.95 7.38
N SER A 119 -24.73 -28.10 6.75
CA SER A 119 -25.09 -29.38 7.35
C SER A 119 -24.04 -30.46 7.08
N GLY A 120 -22.77 -30.12 7.25
CA GLY A 120 -21.71 -31.09 7.02
C GLY A 120 -21.22 -31.10 5.59
N PRO A 121 -20.38 -32.07 5.21
CA PRO A 121 -19.87 -33.16 6.04
C PRO A 121 -18.58 -32.85 6.80
N PHE A 122 -17.93 -31.75 6.44
CA PHE A 122 -16.69 -31.36 7.10
C PHE A 122 -17.00 -30.69 8.43
N PRO A 123 -16.21 -31.00 9.47
CA PRO A 123 -16.49 -30.33 10.75
C PRO A 123 -15.93 -28.90 10.65
N ILE A 124 -16.52 -27.97 11.40
CA ILE A 124 -16.02 -26.59 11.41
C ILE A 124 -15.54 -26.25 12.80
N HIS A 125 -14.30 -25.82 12.92
CA HIS A 125 -13.73 -25.49 14.21
C HIS A 125 -13.85 -24.01 14.49
N PHE A 126 -14.51 -23.69 15.60
CA PHE A 126 -14.71 -22.32 15.99
C PHE A 126 -13.84 -21.93 17.17
N HIS A 127 -13.52 -20.65 17.22
CA HIS A 127 -12.75 -20.08 18.31
C HIS A 127 -13.61 -18.92 18.77
N LEU A 128 -14.10 -19.01 19.99
CA LEU A 128 -14.96 -17.97 20.54
C LEU A 128 -14.13 -16.79 21.07
N KCX A 129 -14.45 -15.60 20.57
CA KCX A 129 -13.74 -14.40 21.00
CB KCX A 129 -13.49 -13.43 19.83
CG KCX A 129 -12.98 -12.01 20.25
CD KCX A 129 -11.61 -11.97 20.87
CE KCX A 129 -10.78 -11.17 19.92
NZ KCX A 129 -10.92 -9.72 20.06
C KCX A 129 -14.51 -13.70 22.12
O KCX A 129 -15.72 -13.45 22.02
CX KCX A 129 -10.18 -8.87 19.36
OQ1 KCX A 129 -10.41 -7.66 19.49
OQ2 KCX A 129 -9.49 -9.29 18.37
N MET A 130 -13.80 -13.39 23.18
CA MET A 130 -14.40 -12.71 24.32
C MET A 130 -13.78 -11.34 24.40
N ASP A 131 -14.63 -10.33 24.53
CA ASP A 131 -14.17 -8.95 24.64
C ASP A 131 -14.00 -8.68 26.13
N THR A 132 -12.74 -8.49 26.56
CA THR A 132 -12.45 -8.22 27.97
C THR A 132 -12.06 -6.78 28.21
N GLY A 133 -12.22 -5.93 27.19
CA GLY A 133 -11.87 -4.53 27.33
C GLY A 133 -11.14 -3.89 26.17
N MET A 134 -11.12 -4.55 25.02
CA MET A 134 -10.46 -3.98 23.84
C MET A 134 -11.53 -3.26 23.03
N GLY A 135 -12.78 -3.72 23.17
CA GLY A 135 -13.90 -3.10 22.49
C GLY A 135 -14.00 -3.28 20.98
N ARG A 136 -13.24 -4.23 20.44
CA ARG A 136 -13.24 -4.49 19.01
C ARG A 136 -14.24 -5.60 18.68
N LEU A 137 -13.81 -6.84 18.84
CA LEU A 137 -14.67 -7.99 18.56
C LEU A 137 -14.81 -8.80 19.83
N GLY A 138 -15.84 -9.64 19.87
CA GLY A 138 -16.02 -10.47 21.03
C GLY A 138 -17.36 -10.40 21.72
N VAL A 139 -17.67 -11.49 22.41
CA VAL A 139 -18.90 -11.63 23.16
C VAL A 139 -18.65 -10.90 24.49
N LYS A 140 -19.70 -10.36 25.10
CA LYS A 140 -19.53 -9.60 26.34
C LYS A 140 -20.38 -10.06 27.52
N ASP A 141 -21.42 -10.82 27.28
CA ASP A 141 -22.28 -11.27 28.38
C ASP A 141 -22.53 -12.77 28.41
N GLU A 142 -22.94 -13.24 29.58
CA GLU A 142 -23.24 -14.64 29.85
C GLU A 142 -24.22 -15.32 28.91
N GLU A 143 -25.42 -14.75 28.80
CA GLU A 143 -26.46 -15.33 27.96
C GLU A 143 -26.07 -15.49 26.51
N GLU A 144 -25.13 -14.67 26.05
CA GLU A 144 -24.65 -14.75 24.69
C GLU A 144 -23.65 -15.88 24.56
N THR A 145 -22.74 -15.97 25.52
CA THR A 145 -21.74 -17.02 25.53
C THR A 145 -22.46 -18.37 25.62
N LYS A 146 -23.35 -18.49 26.60
CA LYS A 146 -24.10 -19.72 26.79
C LYS A 146 -24.86 -20.11 25.53
N ARG A 147 -25.46 -19.13 24.87
CA ARG A 147 -26.23 -19.37 23.65
C ARG A 147 -25.35 -19.84 22.49
N ILE A 148 -24.20 -19.19 22.32
CA ILE A 148 -23.28 -19.53 21.26
C ILE A 148 -22.83 -20.97 21.46
N VAL A 149 -22.41 -21.30 22.69
CA VAL A 149 -21.97 -22.64 23.03
C VAL A 149 -23.06 -23.67 22.73
N ALA A 150 -24.29 -23.35 23.13
CA ALA A 150 -25.43 -24.23 22.92
C ALA A 150 -25.66 -24.54 21.46
N LEU A 151 -25.54 -23.52 20.61
CA LEU A 151 -25.74 -23.70 19.18
C LEU A 151 -24.62 -24.55 18.61
N ILE A 152 -23.42 -24.36 19.14
CA ILE A 152 -22.27 -25.13 18.68
C ILE A 152 -22.42 -26.59 19.07
N GLU A 153 -22.71 -26.82 20.35
CA GLU A 153 -22.87 -28.17 20.87
C GLU A 153 -24.00 -28.94 20.17
N ARG A 154 -25.05 -28.21 19.80
CA ARG A 154 -26.20 -28.83 19.13
C ARG A 154 -26.04 -29.13 17.65
N HIS A 155 -25.00 -28.58 17.03
CA HIS A 155 -24.77 -28.86 15.61
C HIS A 155 -23.74 -29.95 15.48
N PRO A 156 -24.08 -31.02 14.74
CA PRO A 156 -23.17 -32.16 14.52
C PRO A 156 -21.84 -31.86 13.85
N HIS A 157 -21.74 -30.74 13.13
CA HIS A 157 -20.50 -30.39 12.46
C HIS A 157 -19.83 -29.12 12.98
N PHE A 158 -20.28 -28.63 14.14
CA PHE A 158 -19.72 -27.44 14.75
C PHE A 158 -18.93 -27.89 15.98
N VAL A 159 -17.67 -27.51 16.05
CA VAL A 159 -16.81 -27.89 17.15
C VAL A 159 -16.19 -26.62 17.76
N LEU A 160 -16.26 -26.49 19.09
CA LEU A 160 -15.66 -25.35 19.77
C LEU A 160 -14.22 -25.75 20.12
N GLU A 161 -13.29 -25.37 19.25
CA GLU A 161 -11.89 -25.73 19.43
C GLU A 161 -11.14 -24.84 20.41
N GLY A 162 -11.55 -23.59 20.53
CA GLY A 162 -10.85 -22.71 21.44
C GLY A 162 -11.67 -21.49 21.74
N LEU A 163 -11.10 -20.60 22.53
CA LEU A 163 -11.75 -19.36 22.90
C LEU A 163 -10.63 -18.44 23.32
N TYR A 164 -10.74 -17.16 22.98
CA TYR A 164 -9.67 -16.24 23.31
C TYR A 164 -10.10 -14.80 23.49
N THR A 165 -9.13 -13.98 23.90
CA THR A 165 -9.36 -12.56 24.09
C THR A 165 -8.11 -11.81 23.64
N HIS A 166 -8.21 -10.49 23.50
CA HIS A 166 -7.09 -9.68 23.04
C HIS A 166 -6.87 -8.49 23.99
N PHE A 167 -5.62 -8.19 24.30
CA PHE A 167 -5.31 -7.09 25.20
C PHE A 167 -5.07 -5.77 24.49
N ALA A 168 -5.61 -4.70 25.07
CA ALA A 168 -5.47 -3.36 24.52
C ALA A 168 -4.18 -2.69 24.97
N THR A 169 -3.66 -3.08 26.14
CA THR A 169 -2.45 -2.43 26.66
C THR A 169 -1.33 -3.33 27.19
N ALA A 170 -1.05 -4.45 26.50
CA ALA A 170 -0.01 -5.37 26.93
C ALA A 170 1.42 -4.85 26.75
N ASP A 171 1.58 -3.82 25.91
CA ASP A 171 2.90 -3.24 25.65
C ASP A 171 3.21 -2.00 26.51
N GLU A 172 2.27 -1.62 27.37
CA GLU A 172 2.45 -0.46 28.25
C GLU A 172 3.14 -0.91 29.53
N VAL A 173 4.15 -0.16 29.96
CA VAL A 173 4.88 -0.49 31.18
C VAL A 173 3.92 -0.64 32.36
N ASN A 174 2.88 0.20 32.41
CA ASN A 174 1.88 0.12 33.48
C ASN A 174 0.98 -1.07 33.14
N THR A 175 0.80 -1.95 34.11
CA THR A 175 0.01 -3.15 33.91
C THR A 175 -1.38 -3.13 34.50
N ASP A 176 -1.88 -1.96 34.86
CA ASP A 176 -3.19 -1.87 35.47
C ASP A 176 -4.38 -2.30 34.60
N TYR A 177 -4.45 -1.85 33.34
CA TYR A 177 -5.55 -2.24 32.47
C TYR A 177 -5.38 -3.70 32.02
N PHE A 178 -4.13 -4.10 31.85
CA PHE A 178 -3.80 -5.46 31.45
C PHE A 178 -4.43 -6.43 32.46
N SER A 179 -4.08 -6.23 33.73
CA SER A 179 -4.58 -7.06 34.82
C SER A 179 -6.10 -7.13 34.83
N TYR A 180 -6.75 -5.99 34.61
CA TYR A 180 -8.20 -5.96 34.58
C TYR A 180 -8.74 -6.87 33.48
N GLN A 181 -8.10 -6.81 32.31
CA GLN A 181 -8.51 -7.64 31.18
C GLN A 181 -8.24 -9.11 31.52
N TYR A 182 -7.05 -9.39 32.04
CA TYR A 182 -6.71 -10.76 32.41
C TYR A 182 -7.73 -11.31 33.39
N THR A 183 -7.99 -10.55 34.44
CA THR A 183 -8.94 -10.93 35.46
C THR A 183 -10.35 -11.07 34.89
N ARG A 184 -10.70 -10.20 33.94
CA ARG A 184 -12.00 -10.26 33.30
C ARG A 184 -12.12 -11.57 32.53
N PHE A 185 -11.03 -11.95 31.87
CA PHE A 185 -10.98 -13.18 31.07
C PHE A 185 -11.23 -14.40 31.96
N LEU A 186 -10.52 -14.46 33.08
CA LEU A 186 -10.65 -15.58 34.01
C LEU A 186 -12.09 -15.71 34.51
N HIS A 187 -12.76 -14.58 34.67
CA HIS A 187 -14.13 -14.59 35.14
C HIS A 187 -15.07 -15.13 34.05
N MET A 188 -14.87 -14.68 32.81
CA MET A 188 -15.72 -15.13 31.70
C MET A 188 -15.52 -16.60 31.27
N LEU A 189 -14.34 -17.14 31.51
CA LEU A 189 -14.04 -18.52 31.14
C LEU A 189 -14.96 -19.47 31.91
N GLU A 190 -15.50 -18.98 33.01
CA GLU A 190 -16.40 -19.74 33.86
C GLU A 190 -17.84 -19.83 33.33
N TRP A 191 -18.09 -19.13 32.23
CA TRP A 191 -19.42 -19.16 31.64
C TRP A 191 -19.53 -20.38 30.72
N LEU A 192 -18.40 -21.03 30.50
CA LEU A 192 -18.36 -22.20 29.65
C LEU A 192 -18.48 -23.48 30.43
N PRO A 193 -19.32 -24.42 29.96
CA PRO A 193 -19.50 -25.70 30.66
C PRO A 193 -18.21 -26.51 30.78
N SER A 194 -17.27 -26.29 29.86
CA SER A 194 -16.01 -27.02 29.84
C SER A 194 -14.97 -26.29 29.00
N ARG A 195 -13.73 -26.29 29.49
CA ARG A 195 -12.61 -25.63 28.84
C ARG A 195 -12.26 -26.28 27.51
N PRO A 196 -12.40 -25.52 26.39
CA PRO A 196 -12.08 -26.07 25.07
C PRO A 196 -10.58 -26.36 25.05
N PRO A 197 -10.14 -27.19 24.10
CA PRO A 197 -8.73 -27.56 23.97
C PRO A 197 -7.71 -26.41 23.81
N LEU A 198 -8.14 -25.27 23.25
CA LEU A 198 -7.22 -24.16 23.08
C LEU A 198 -7.75 -22.86 23.66
N VAL A 199 -7.04 -22.36 24.67
CA VAL A 199 -7.39 -21.11 25.34
C VAL A 199 -6.19 -20.22 25.10
N HIS A 200 -6.40 -19.06 24.48
CA HIS A 200 -5.29 -18.16 24.21
C HIS A 200 -5.63 -16.69 24.45
N CYS A 201 -4.62 -15.89 24.75
CA CYS A 201 -4.85 -14.48 25.01
C CYS A 201 -3.67 -13.56 24.70
N ALA A 202 -2.48 -14.12 24.66
CA ALA A 202 -1.27 -13.34 24.45
C ALA A 202 -0.85 -12.98 23.05
N ASN A 203 -0.42 -11.73 22.87
CA ASN A 203 0.11 -11.23 21.60
C ASN A 203 1.62 -11.19 21.81
N SER A 204 2.37 -10.53 20.94
CA SER A 204 3.81 -10.50 21.13
C SER A 204 4.25 -9.98 22.49
N ALA A 205 3.68 -8.85 22.91
CA ALA A 205 4.01 -8.21 24.18
C ALA A 205 3.71 -9.05 25.43
N ALA A 206 2.50 -9.60 25.50
CA ALA A 206 2.08 -10.40 26.65
C ALA A 206 2.85 -11.69 26.77
N SER A 207 3.15 -12.33 25.64
CA SER A 207 3.87 -13.60 25.65
C SER A 207 5.33 -13.45 26.01
N LEU A 208 5.94 -12.33 25.64
CA LEU A 208 7.35 -12.10 25.94
C LEU A 208 7.53 -11.50 27.33
N ARG A 209 6.45 -10.96 27.88
CA ARG A 209 6.50 -10.35 29.20
C ARG A 209 6.05 -11.34 30.28
N PHE A 210 4.92 -11.99 30.05
CA PHE A 210 4.36 -12.97 31.00
C PHE A 210 4.13 -14.31 30.32
N PRO A 211 5.22 -15.03 30.03
CA PRO A 211 5.16 -16.34 29.35
C PRO A 211 4.47 -17.45 30.12
N ASP A 212 4.47 -17.37 31.46
CA ASP A 212 3.84 -18.39 32.28
C ASP A 212 2.33 -18.28 32.37
N ARG A 213 1.79 -17.10 32.12
CA ARG A 213 0.33 -16.93 32.16
C ARG A 213 -0.20 -16.68 30.76
N THR A 214 0.19 -17.55 29.83
CA THR A 214 -0.24 -17.45 28.43
C THR A 214 -1.11 -18.64 28.01
N PHE A 215 -1.43 -19.50 28.98
CA PHE A 215 -2.25 -20.68 28.73
C PHE A 215 -1.57 -21.65 27.75
N ASN A 216 -2.32 -22.19 26.79
CA ASN A 216 -1.74 -23.17 25.86
C ASN A 216 -1.46 -22.73 24.42
N MET A 217 -1.65 -21.44 24.13
CA MET A 217 -1.36 -20.93 22.80
C MET A 217 -1.07 -19.44 22.81
N VAL A 218 -0.01 -19.07 22.11
CA VAL A 218 0.42 -17.68 21.99
C VAL A 218 0.22 -17.21 20.55
N ARG A 219 -0.25 -15.97 20.36
CA ARG A 219 -0.42 -15.44 19.01
C ARG A 219 0.73 -14.44 18.76
N PHE A 220 1.82 -14.97 18.20
CA PHE A 220 3.05 -14.23 17.93
C PHE A 220 3.03 -13.41 16.65
N GLY A 221 3.08 -12.09 16.79
CA GLY A 221 3.05 -11.21 15.63
C GLY A 221 4.27 -10.33 15.40
N ILE A 222 4.14 -9.05 15.74
CA ILE A 222 5.19 -8.06 15.51
C ILE A 222 6.63 -8.48 15.90
N ALA A 223 6.80 -9.20 17.01
CA ALA A 223 8.16 -9.60 17.43
C ALA A 223 8.82 -10.66 16.53
N MET A 224 8.00 -11.42 15.82
CA MET A 224 8.50 -12.46 14.92
C MET A 224 9.30 -11.77 13.82
N TYR A 225 8.87 -10.56 13.48
CA TYR A 225 9.51 -9.77 12.45
C TYR A 225 10.72 -9.00 12.99
N GLY A 226 10.94 -9.09 14.30
CA GLY A 226 12.08 -8.43 14.91
C GLY A 226 11.82 -7.01 15.39
N LEU A 227 10.56 -6.63 15.43
CA LEU A 227 10.17 -5.29 15.85
C LEU A 227 9.54 -5.30 17.25
N ALA A 228 9.98 -4.38 18.11
CA ALA A 228 9.47 -4.28 19.48
C ALA A 228 8.04 -3.75 19.45
N PRO A 229 7.14 -4.40 20.21
CA PRO A 229 5.72 -3.97 20.27
C PRO A 229 5.59 -2.48 20.61
N SER A 230 6.56 -1.99 21.38
CA SER A 230 6.63 -0.60 21.79
C SER A 230 8.01 -0.35 22.38
N PRO A 231 8.49 0.91 22.30
CA PRO A 231 9.80 1.28 22.83
C PRO A 231 9.90 1.22 24.35
N GLY A 232 8.76 1.44 25.01
CA GLY A 232 8.75 1.39 26.46
C GLY A 232 8.84 -0.01 27.00
N ILE A 233 8.72 -0.99 26.11
CA ILE A 233 8.78 -2.40 26.51
C ILE A 233 10.10 -3.05 26.08
N LYS A 234 10.87 -2.35 25.26
CA LYS A 234 12.12 -2.88 24.75
C LYS A 234 13.13 -3.35 25.80
N PRO A 235 13.35 -2.58 26.87
CA PRO A 235 14.31 -3.00 27.90
C PRO A 235 13.84 -4.20 28.71
N LEU A 236 12.54 -4.49 28.62
CA LEU A 236 11.95 -5.61 29.34
C LEU A 236 11.89 -6.91 28.52
N LEU A 237 12.43 -6.88 27.31
CA LEU A 237 12.41 -8.04 26.42
C LEU A 237 13.44 -9.09 26.85
N PRO A 238 13.00 -10.36 26.92
CA PRO A 238 13.81 -11.53 27.31
C PRO A 238 15.04 -11.84 26.45
N TYR A 239 14.93 -11.57 25.15
CA TYR A 239 16.04 -11.81 24.25
C TYR A 239 16.08 -10.76 23.15
N PRO A 240 17.25 -10.57 22.52
CA PRO A 240 17.36 -9.57 21.45
C PRO A 240 16.56 -9.98 20.22
N LEU A 241 15.78 -9.04 19.70
CA LEU A 241 14.97 -9.31 18.52
C LEU A 241 15.83 -8.96 17.30
N LYS A 242 15.74 -9.75 16.24
CA LYS A 242 16.51 -9.49 15.03
C LYS A 242 15.61 -8.93 13.92
N GLU A 243 15.83 -7.68 13.53
CA GLU A 243 15.03 -7.03 12.49
C GLU A 243 15.22 -7.73 11.15
N ALA A 244 14.12 -8.01 10.47
CA ALA A 244 14.17 -8.75 9.21
C ALA A 244 14.03 -7.97 7.91
N PHE A 245 13.34 -6.83 7.96
CA PHE A 245 13.07 -6.01 6.78
C PHE A 245 14.10 -4.90 6.47
N SER A 246 14.46 -4.77 5.19
CA SER A 246 15.38 -3.71 4.77
C SER A 246 14.91 -3.27 3.38
N LEU A 247 15.21 -2.04 2.99
CA LEU A 247 14.73 -1.52 1.71
C LEU A 247 15.83 -0.75 1.02
N HIS A 248 16.04 -1.07 -0.27
CA HIS A 248 17.10 -0.44 -1.04
C HIS A 248 16.69 0.03 -2.42
N SER A 249 17.53 0.90 -2.99
CA SER A 249 17.32 1.45 -4.31
C SER A 249 18.70 1.81 -4.85
N ARG A 250 18.75 2.44 -6.02
CA ARG A 250 20.02 2.84 -6.61
C ARG A 250 19.82 4.18 -7.29
N LEU A 251 20.91 4.95 -7.38
CA LEU A 251 20.87 6.24 -8.05
C LEU A 251 20.66 6.01 -9.54
N VAL A 252 19.61 6.59 -10.11
CA VAL A 252 19.37 6.44 -11.54
C VAL A 252 19.78 7.70 -12.30
N HIS A 253 20.12 8.76 -11.57
CA HIS A 253 20.56 10.00 -12.18
C HIS A 253 21.28 10.83 -11.14
N VAL A 254 22.30 11.54 -11.61
CA VAL A 254 23.13 12.42 -10.78
C VAL A 254 23.42 13.68 -11.59
N LYS A 255 23.25 14.84 -10.97
CA LYS A 255 23.51 16.11 -11.64
C LYS A 255 23.93 17.15 -10.58
N LYS A 256 24.62 18.20 -11.03
CA LYS A 256 25.05 19.26 -10.14
C LYS A 256 24.15 20.48 -10.31
N LEU A 257 23.53 20.94 -9.23
CA LEU A 257 22.66 22.11 -9.30
C LEU A 257 23.44 23.36 -8.96
N GLN A 258 23.10 24.46 -9.63
CA GLN A 258 23.74 25.74 -9.37
C GLN A 258 22.85 26.43 -8.34
N PRO A 259 23.42 27.29 -7.51
CA PRO A 259 22.59 27.98 -6.52
C PRO A 259 21.40 28.67 -7.16
N GLY A 260 20.25 28.62 -6.49
CA GLY A 260 19.05 29.25 -7.01
C GLY A 260 18.19 28.29 -7.80
N GLU A 261 18.74 27.12 -8.15
CA GLU A 261 18.00 26.12 -8.90
C GLU A 261 17.06 25.39 -7.94
N LYS A 262 15.87 25.06 -8.43
CA LYS A 262 14.86 24.41 -7.62
C LYS A 262 14.59 22.95 -7.95
N VAL A 263 14.10 22.20 -6.97
CA VAL A 263 13.84 20.77 -7.15
C VAL A 263 12.44 20.30 -6.77
N SER A 264 11.84 19.55 -7.69
CA SER A 264 10.51 18.93 -7.54
C SER A 264 9.28 19.84 -7.53
N TYR A 265 8.12 19.22 -7.28
CA TYR A 265 6.82 19.89 -7.26
C TYR A 265 6.70 21.08 -6.34
N GLY A 266 6.11 22.16 -6.87
CA GLY A 266 5.95 23.38 -6.10
C GLY A 266 7.24 24.14 -5.92
N ALA A 267 8.33 23.57 -6.42
CA ALA A 267 9.64 24.19 -6.29
C ALA A 267 9.88 24.66 -4.85
N THR A 268 9.71 23.74 -3.90
CA THR A 268 9.88 24.07 -2.48
C THR A 268 11.29 23.90 -1.97
N TYR A 269 12.20 23.53 -2.86
CA TYR A 269 13.58 23.38 -2.46
C TYR A 269 14.45 24.15 -3.40
N THR A 270 15.38 24.90 -2.83
CA THR A 270 16.29 25.73 -3.60
C THR A 270 17.75 25.42 -3.23
N ALA A 271 18.56 25.15 -4.24
CA ALA A 271 19.96 24.85 -4.00
C ALA A 271 20.67 26.12 -3.54
N GLN A 272 21.21 26.09 -2.33
CA GLN A 272 21.89 27.27 -1.79
C GLN A 272 23.31 27.39 -2.32
N THR A 273 23.88 26.28 -2.78
CA THR A 273 25.22 26.29 -3.34
C THR A 273 25.26 25.27 -4.46
N GLU A 274 26.45 25.01 -4.99
CA GLU A 274 26.62 24.04 -6.05
C GLU A 274 26.47 22.68 -5.38
N GLU A 275 25.30 22.06 -5.54
CA GLU A 275 25.04 20.77 -4.92
C GLU A 275 24.88 19.66 -5.93
N TRP A 276 25.12 18.43 -5.48
CA TRP A 276 24.95 17.26 -6.32
C TRP A 276 23.64 16.65 -5.88
N ILE A 277 22.76 16.44 -6.85
CA ILE A 277 21.45 15.86 -6.58
C ILE A 277 21.31 14.48 -7.26
N GLY A 278 20.83 13.51 -6.50
CA GLY A 278 20.64 12.18 -7.05
C GLY A 278 19.17 11.83 -7.06
N THR A 279 18.73 11.15 -8.12
CA THR A 279 17.33 10.74 -8.24
C THR A 279 17.22 9.24 -8.02
N ILE A 280 16.26 8.83 -7.20
CA ILE A 280 16.09 7.40 -6.95
C ILE A 280 14.69 6.97 -7.34
N PRO A 281 14.56 5.75 -7.90
CA PRO A 281 13.27 5.22 -8.32
C PRO A 281 12.32 4.66 -7.25
N ILE A 282 11.97 5.49 -6.28
CA ILE A 282 11.00 5.11 -5.26
C ILE A 282 10.21 6.36 -4.89
N GLY A 283 8.90 6.20 -4.73
CA GLY A 283 8.05 7.33 -4.41
C GLY A 283 6.93 6.86 -3.53
N TYR A 284 5.90 7.69 -3.37
CA TYR A 284 4.79 7.32 -2.50
C TYR A 284 3.88 6.18 -2.95
N ALA A 285 3.87 5.85 -4.24
CA ALA A 285 3.04 4.73 -4.71
C ALA A 285 3.74 3.44 -4.26
N ASP A 286 4.96 3.61 -3.72
CA ASP A 286 5.72 2.48 -3.22
C ASP A 286 5.64 2.42 -1.69
N GLY A 287 4.85 3.29 -1.09
CA GLY A 287 4.75 3.31 0.36
C GLY A 287 5.73 4.26 1.02
N TRP A 288 6.55 4.92 0.22
CA TRP A 288 7.50 5.89 0.74
C TRP A 288 6.71 7.21 0.69
N LEU A 289 5.84 7.39 1.69
CA LEU A 289 4.95 8.55 1.80
C LEU A 289 5.59 9.93 1.70
N ARG A 290 4.80 10.89 1.21
CA ARG A 290 5.27 12.26 1.04
C ARG A 290 5.78 12.88 2.33
N ARG A 291 5.19 12.46 3.44
CA ARG A 291 5.58 12.97 4.74
C ARG A 291 7.07 12.71 5.03
N LEU A 292 7.69 11.81 4.27
CA LEU A 292 9.11 11.51 4.50
C LEU A 292 10.12 12.47 3.92
N GLN A 293 9.65 13.56 3.32
CA GLN A 293 10.56 14.58 2.81
C GLN A 293 11.29 15.05 4.08
N HIS A 294 12.58 15.38 3.96
CA HIS A 294 13.38 15.81 5.11
C HIS A 294 14.03 14.61 5.80
N PHE A 295 13.48 13.42 5.62
CA PHE A 295 14.07 12.23 6.23
C PHE A 295 15.42 12.01 5.55
N HIS A 296 16.32 11.28 6.21
CA HIS A 296 17.65 11.03 5.66
C HIS A 296 17.80 9.56 5.21
N VAL A 297 18.38 9.35 4.03
CA VAL A 297 18.60 7.99 3.54
C VAL A 297 20.12 7.75 3.63
N LEU A 298 20.56 6.50 3.45
CA LEU A 298 21.99 6.20 3.51
C LEU A 298 22.51 6.02 2.10
N VAL A 299 23.67 6.60 1.83
CA VAL A 299 24.29 6.49 0.53
C VAL A 299 25.79 6.64 0.72
N ASP A 300 26.53 5.57 0.42
CA ASP A 300 27.96 5.57 0.56
C ASP A 300 28.36 5.65 2.03
N GLY A 301 27.56 5.05 2.91
CA GLY A 301 27.86 5.07 4.32
C GLY A 301 27.53 6.38 5.03
N GLN A 302 26.93 7.31 4.31
CA GLN A 302 26.58 8.59 4.89
C GLN A 302 25.12 8.95 4.70
N LYS A 303 24.61 9.76 5.62
CA LYS A 303 23.23 10.19 5.57
C LYS A 303 23.08 11.33 4.58
N ALA A 304 22.03 11.29 3.78
CA ALA A 304 21.76 12.32 2.79
C ALA A 304 20.27 12.63 2.89
N PRO A 305 19.89 13.92 3.00
CA PRO A 305 18.48 14.29 3.11
C PRO A 305 17.70 14.21 1.81
N ILE A 306 16.43 13.87 1.94
CA ILE A 306 15.52 13.80 0.81
C ILE A 306 15.12 15.26 0.60
N VAL A 307 15.50 15.84 -0.53
CA VAL A 307 15.18 17.25 -0.82
C VAL A 307 14.03 17.42 -1.80
N GLY A 308 13.16 18.39 -1.52
CA GLY A 308 12.03 18.64 -2.38
C GLY A 308 10.95 17.63 -2.11
N ARG A 309 9.79 17.84 -2.73
CA ARG A 309 8.67 16.94 -2.54
C ARG A 309 8.94 15.57 -3.13
N ILE A 310 8.41 14.55 -2.46
CA ILE A 310 8.56 13.18 -2.92
C ILE A 310 7.49 12.97 -3.99
N CYS A 311 7.85 12.32 -5.10
CA CYS A 311 6.90 12.07 -6.17
C CYS A 311 6.30 10.68 -6.06
N MET A 312 5.36 10.38 -6.93
CA MET A 312 4.68 9.09 -6.94
C MET A 312 5.64 7.93 -7.16
N ASP A 313 6.63 8.10 -8.02
CA ASP A 313 7.57 7.02 -8.32
C ASP A 313 9.02 7.35 -8.13
N GLN A 314 9.31 8.60 -7.79
CA GLN A 314 10.68 9.03 -7.59
C GLN A 314 10.85 10.09 -6.51
N CYS A 315 12.08 10.30 -6.10
CA CYS A 315 12.40 11.33 -5.13
C CYS A 315 13.89 11.65 -5.25
N MET A 316 14.28 12.83 -4.77
CA MET A 316 15.65 13.30 -4.88
C MET A 316 16.35 13.45 -3.52
N ILE A 317 17.68 13.30 -3.51
CA ILE A 317 18.45 13.44 -2.28
C ILE A 317 19.67 14.32 -2.56
N ARG A 318 20.14 15.05 -1.55
CA ARG A 318 21.32 15.87 -1.73
C ARG A 318 22.51 14.98 -1.42
N LEU A 319 23.34 14.73 -2.42
CA LEU A 319 24.49 13.86 -2.24
C LEU A 319 25.71 14.50 -1.60
N PRO A 320 26.55 13.66 -0.96
CA PRO A 320 27.78 14.12 -0.31
C PRO A 320 28.70 14.74 -1.36
N GLY A 321 28.71 14.14 -2.54
CA GLY A 321 29.54 14.63 -3.64
C GLY A 321 29.13 13.90 -4.90
N PRO A 322 29.91 14.00 -5.97
CA PRO A 322 29.51 13.29 -7.19
C PRO A 322 29.75 11.79 -7.06
N LEU A 323 28.66 11.03 -7.06
CA LEU A 323 28.75 9.58 -6.96
C LEU A 323 28.24 9.00 -8.28
N PRO A 324 28.72 7.80 -8.64
CA PRO A 324 28.27 7.20 -9.90
C PRO A 324 26.84 6.65 -9.87
N VAL A 325 26.23 6.64 -11.03
CA VAL A 325 24.89 6.12 -11.18
C VAL A 325 24.99 4.61 -10.88
N GLY A 326 23.99 4.07 -10.21
CA GLY A 326 24.02 2.66 -9.87
C GLY A 326 24.42 2.50 -8.43
N THR A 327 24.87 3.59 -7.80
CA THR A 327 25.27 3.56 -6.40
C THR A 327 24.07 3.19 -5.54
N LYS A 328 24.28 2.27 -4.60
CA LYS A 328 23.21 1.81 -3.74
C LYS A 328 22.80 2.81 -2.67
N VAL A 329 21.49 2.96 -2.51
CA VAL A 329 20.90 3.85 -1.52
C VAL A 329 20.05 2.97 -0.60
N THR A 330 20.31 3.03 0.69
CA THR A 330 19.58 2.23 1.66
C THR A 330 18.60 3.12 2.42
N LEU A 331 17.31 2.82 2.31
CA LEU A 331 16.26 3.60 2.97
C LEU A 331 15.96 3.07 4.37
N ILE A 332 16.02 1.74 4.50
CA ILE A 332 15.82 1.04 5.77
C ILE A 332 16.87 -0.06 5.80
N GLY A 333 17.74 -0.02 6.80
CA GLY A 333 18.77 -1.04 6.87
C GLY A 333 20.12 -0.46 7.25
N ARG A 334 21.18 -1.24 7.00
CA ARG A 334 22.52 -0.85 7.36
C ARG A 334 23.46 -0.60 6.19
N GLN A 335 24.38 0.32 6.40
CA GLN A 335 25.39 0.67 5.40
C GLN A 335 26.61 1.09 6.19
N GLY A 336 27.61 0.22 6.22
CA GLY A 336 28.82 0.52 6.96
C GLY A 336 28.53 0.68 8.44
N ASP A 337 28.82 1.88 8.97
CA ASP A 337 28.63 2.17 10.38
C ASP A 337 27.22 2.64 10.70
N GLU A 338 26.57 3.27 9.73
CA GLU A 338 25.23 3.80 9.89
C GLU A 338 24.09 2.82 9.63
N VAL A 339 23.00 3.00 10.35
CA VAL A 339 21.82 2.15 10.21
C VAL A 339 20.54 2.95 10.36
N ILE A 340 19.52 2.56 9.62
CA ILE A 340 18.21 3.20 9.73
C ILE A 340 17.26 2.07 9.99
N SER A 341 16.52 2.16 11.08
CA SER A 341 15.57 1.12 11.41
C SER A 341 14.15 1.51 11.07
N ILE A 342 13.27 0.52 11.05
CA ILE A 342 11.88 0.76 10.75
C ILE A 342 11.35 1.71 11.82
N ASP A 343 11.94 1.63 13.01
CA ASP A 343 11.55 2.46 14.15
C ASP A 343 11.89 3.92 13.87
N ASP A 344 12.95 4.15 13.11
CA ASP A 344 13.38 5.50 12.76
C ASP A 344 12.40 6.09 11.77
N VAL A 345 11.92 5.27 10.85
CA VAL A 345 10.98 5.71 9.84
C VAL A 345 9.63 6.02 10.50
N ALA A 346 9.19 5.14 11.41
CA ALA A 346 7.92 5.34 12.08
C ALA A 346 7.94 6.66 12.86
N ARG A 347 9.08 6.98 13.45
CA ARG A 347 9.21 8.20 14.22
C ARG A 347 8.91 9.41 13.32
N HIS A 348 9.58 9.45 12.16
CA HIS A 348 9.38 10.55 11.22
C HIS A 348 7.94 10.64 10.72
N LEU A 349 7.30 9.49 10.47
CA LEU A 349 5.94 9.45 9.98
C LEU A 349 4.93 9.63 11.11
N GLU A 350 5.44 9.77 12.33
CA GLU A 350 4.59 9.94 13.50
C GLU A 350 3.59 8.80 13.58
N THR A 351 4.10 7.58 13.47
CA THR A 351 3.23 6.40 13.56
C THR A 351 4.02 5.33 14.32
N ILE A 352 3.54 4.08 14.29
CA ILE A 352 4.21 2.98 14.98
C ILE A 352 4.82 2.01 13.97
N ASN A 353 5.85 1.28 14.37
CA ASN A 353 6.51 0.37 13.43
C ASN A 353 5.56 -0.55 12.63
N TYR A 354 4.47 -0.99 13.25
CA TYR A 354 3.51 -1.88 12.58
C TYR A 354 3.10 -1.39 11.19
N GLU A 355 2.81 -0.10 11.11
CA GLU A 355 2.35 0.48 9.86
C GLU A 355 3.34 0.58 8.72
N VAL A 356 4.63 0.68 9.05
CA VAL A 356 5.65 0.86 8.02
C VAL A 356 5.83 -0.25 6.97
N PRO A 357 6.18 -1.48 7.38
CA PRO A 357 6.34 -2.50 6.33
C PRO A 357 5.04 -2.82 5.63
N CYS A 358 3.92 -2.62 6.32
CA CYS A 358 2.61 -2.86 5.75
C CYS A 358 2.36 -1.93 4.58
N THR A 359 2.90 -0.71 4.66
CA THR A 359 2.70 0.29 3.61
C THR A 359 3.60 0.15 2.38
N ILE A 360 4.78 -0.45 2.53
CA ILE A 360 5.64 -0.64 1.36
C ILE A 360 4.76 -1.55 0.47
N SER A 361 4.32 -0.97 -0.65
CA SER A 361 3.40 -1.64 -1.55
C SER A 361 3.81 -2.86 -2.36
N TYR A 362 2.81 -3.41 -3.04
CA TYR A 362 2.93 -4.56 -3.92
C TYR A 362 3.91 -4.31 -5.06
N ARG A 363 4.16 -3.03 -5.34
CA ARG A 363 5.05 -2.64 -6.43
C ARG A 363 6.52 -2.98 -6.14
N VAL A 364 6.86 -3.04 -4.86
CA VAL A 364 8.23 -3.31 -4.44
C VAL A 364 8.50 -4.80 -4.29
N PRO A 365 9.41 -5.33 -5.10
CA PRO A 365 9.70 -6.76 -4.97
C PRO A 365 10.40 -7.12 -3.67
N ARG A 366 10.16 -8.33 -3.17
CA ARG A 366 10.79 -8.82 -1.95
C ARG A 366 11.80 -9.94 -2.31
N ILE A 367 13.03 -9.79 -1.83
CA ILE A 367 14.10 -10.77 -2.04
C ILE A 367 14.30 -11.44 -0.70
N PHE A 368 14.19 -12.76 -0.67
CA PHE A 368 14.33 -13.50 0.58
C PHE A 368 15.69 -14.15 0.77
N PHE A 369 16.19 -14.12 2.00
CA PHE A 369 17.47 -14.71 2.35
C PHE A 369 17.21 -15.76 3.41
N ARG A 370 17.91 -16.88 3.30
CA ARG A 370 17.78 -17.97 4.25
C ARG A 370 19.05 -18.81 4.19
N HIS A 371 19.64 -19.05 5.34
CA HIS A 371 20.88 -19.81 5.42
C HIS A 371 21.96 -18.93 4.81
N LYS A 372 21.74 -17.63 4.95
CA LYS A 372 22.66 -16.61 4.46
C LYS A 372 22.84 -16.62 2.94
N ARG A 373 21.81 -17.06 2.23
CA ARG A 373 21.86 -17.11 0.77
C ARG A 373 20.56 -16.62 0.19
N ILE A 374 20.62 -16.08 -1.03
CA ILE A 374 19.39 -15.63 -1.67
C ILE A 374 18.59 -16.91 -1.89
N MET A 375 17.32 -16.87 -1.53
CA MET A 375 16.48 -18.05 -1.66
C MET A 375 15.31 -17.87 -2.61
N GLU A 376 14.85 -16.64 -2.77
CA GLU A 376 13.71 -16.40 -3.64
C GLU A 376 13.42 -14.91 -3.83
N VAL A 377 12.85 -14.58 -4.97
CA VAL A 377 12.47 -13.19 -5.28
C VAL A 377 10.97 -13.21 -5.55
N ARG A 378 10.25 -12.31 -4.89
CA ARG A 378 8.81 -12.22 -5.06
C ARG A 378 8.46 -10.86 -5.62
N ASN A 379 8.00 -10.84 -6.87
CA ASN A 379 7.60 -9.60 -7.54
C ASN A 379 6.12 -9.69 -7.87
N ALA A 380 5.30 -8.94 -7.12
CA ALA A 380 3.85 -8.93 -7.28
C ALA A 380 3.31 -8.61 -8.67
N ILE A 381 4.09 -7.88 -9.48
CA ILE A 381 3.63 -7.56 -10.82
C ILE A 381 4.62 -8.04 -11.90
N ASP B 3 -13.93 -13.38 -6.81
CA ASP B 3 -14.75 -12.81 -5.69
C ASP B 3 -13.87 -12.55 -4.47
N PHE B 4 -14.49 -12.03 -3.42
CA PHE B 4 -13.78 -11.70 -2.19
C PHE B 4 -14.64 -12.13 -1.01
N HIS B 5 -13.99 -12.38 0.11
CA HIS B 5 -14.71 -12.86 1.27
C HIS B 5 -14.61 -11.99 2.53
N ARG B 6 -14.43 -10.70 2.31
CA ARG B 6 -14.42 -9.73 3.40
C ARG B 6 -15.33 -8.65 2.85
N ASP B 7 -16.14 -8.04 3.71
CA ASP B 7 -17.07 -7.01 3.27
C ASP B 7 -16.49 -5.59 3.26
N THR B 8 -15.37 -5.44 2.54
CA THR B 8 -14.67 -4.18 2.37
C THR B 8 -14.22 -4.17 0.92
N TRP B 9 -14.65 -3.17 0.17
CA TRP B 9 -14.31 -3.12 -1.24
C TRP B 9 -14.24 -1.70 -1.78
N ALA B 10 -13.57 -1.54 -2.91
CA ALA B 10 -13.46 -0.24 -3.57
C ALA B 10 -14.24 -0.40 -4.86
N GLU B 11 -14.86 0.67 -5.32
CA GLU B 11 -15.61 0.63 -6.57
C GLU B 11 -15.02 1.66 -7.51
N VAL B 12 -14.80 1.27 -8.74
CA VAL B 12 -14.24 2.17 -9.73
C VAL B 12 -15.28 2.35 -10.81
N ASP B 13 -15.74 3.58 -11.00
CA ASP B 13 -16.74 3.85 -12.03
C ASP B 13 -16.03 4.15 -13.34
N LEU B 14 -16.01 3.18 -14.24
CA LEU B 14 -15.34 3.35 -15.52
C LEU B 14 -16.07 4.32 -16.44
N ASP B 15 -17.34 4.60 -16.13
CA ASP B 15 -18.11 5.56 -16.92
C ASP B 15 -17.55 6.96 -16.67
N ALA B 16 -17.21 7.25 -15.41
CA ALA B 16 -16.66 8.54 -15.02
C ALA B 16 -15.34 8.76 -15.76
N ILE B 17 -14.51 7.73 -15.78
CA ILE B 17 -13.22 7.78 -16.45
C ILE B 17 -13.41 8.02 -17.95
N TYR B 18 -14.34 7.28 -18.56
CA TYR B 18 -14.60 7.44 -19.98
C TYR B 18 -14.90 8.92 -20.27
N ASP B 19 -15.83 9.49 -19.50
CA ASP B 19 -16.22 10.89 -19.68
C ASP B 19 -15.09 11.89 -19.48
N ASN B 20 -14.25 11.67 -18.47
CA ASN B 20 -13.15 12.58 -18.21
C ASN B 20 -12.17 12.64 -19.39
N VAL B 21 -11.97 11.51 -20.07
CA VAL B 21 -11.07 11.46 -21.21
C VAL B 21 -11.74 11.96 -22.49
N GLU B 22 -13.01 11.61 -22.68
CA GLU B 22 -13.73 12.04 -23.88
C GLU B 22 -13.82 13.56 -23.96
N ASN B 23 -14.05 14.20 -22.82
CA ASN B 23 -14.15 15.64 -22.74
C ASN B 23 -12.82 16.30 -23.09
N LEU B 24 -11.72 15.62 -22.79
CA LEU B 24 -10.40 16.16 -23.11
C LEU B 24 -10.16 16.03 -24.61
N ARG B 25 -10.65 14.94 -25.18
CA ARG B 25 -10.51 14.70 -26.61
C ARG B 25 -11.20 15.84 -27.40
N ARG B 26 -12.29 16.36 -26.86
CA ARG B 26 -13.03 17.45 -27.48
C ARG B 26 -12.33 18.79 -27.24
N LEU B 27 -11.68 18.90 -26.08
CA LEU B 27 -10.96 20.10 -25.66
C LEU B 27 -9.69 20.38 -26.49
N LEU B 28 -8.89 19.36 -26.71
CA LEU B 28 -7.64 19.50 -27.45
C LEU B 28 -7.78 19.52 -28.98
N PRO B 29 -6.86 20.24 -29.67
CA PRO B 29 -6.92 20.29 -31.14
C PRO B 29 -6.85 18.84 -31.62
N ASP B 30 -7.62 18.52 -32.66
CA ASP B 30 -7.67 17.17 -33.22
C ASP B 30 -6.35 16.55 -33.63
N ASP B 31 -5.28 17.35 -33.64
CA ASP B 31 -3.98 16.84 -34.03
C ASP B 31 -3.12 16.47 -32.83
N THR B 32 -3.59 16.81 -31.63
CA THR B 32 -2.85 16.51 -30.40
C THR B 32 -3.30 15.18 -29.83
N HIS B 33 -2.35 14.28 -29.62
CA HIS B 33 -2.64 12.95 -29.08
C HIS B 33 -2.79 12.95 -27.59
N ILE B 34 -3.50 11.96 -27.05
CA ILE B 34 -3.68 11.84 -25.62
C ILE B 34 -2.98 10.57 -25.13
N MET B 35 -1.99 10.75 -24.27
CA MET B 35 -1.30 9.61 -23.69
C MET B 35 -1.82 9.47 -22.27
N ALA B 36 -2.58 8.41 -22.00
CA ALA B 36 -3.14 8.19 -20.66
C ALA B 36 -2.08 7.61 -19.74
N VAL B 37 -1.88 8.26 -18.60
CA VAL B 37 -0.88 7.83 -17.63
C VAL B 37 -1.53 6.87 -16.64
N VAL B 38 -1.12 5.61 -16.72
CA VAL B 38 -1.67 4.57 -15.86
C VAL B 38 -0.65 3.89 -14.94
N LYS B 39 0.40 4.62 -14.56
CA LYS B 39 1.41 4.10 -13.65
C LYS B 39 0.77 3.83 -12.30
N ALA B 40 1.48 3.11 -11.43
CA ALA B 40 0.98 2.77 -10.11
C ALA B 40 -0.38 2.09 -10.15
N ASN B 41 -0.54 1.13 -11.07
CA ASN B 41 -1.79 0.39 -11.24
C ASN B 41 -2.93 1.38 -11.51
N ALA B 42 -2.67 2.30 -12.44
CA ALA B 42 -3.62 3.34 -12.82
C ALA B 42 -4.00 4.13 -11.56
N TYR B 43 -3.00 4.67 -10.87
CA TYR B 43 -3.22 5.44 -9.65
C TYR B 43 -4.13 4.67 -8.67
N GLY B 44 -3.88 3.37 -8.54
CA GLY B 44 -4.68 2.56 -7.63
C GLY B 44 -6.08 2.22 -8.11
N HIS B 45 -6.40 2.55 -9.36
CA HIS B 45 -7.75 2.28 -9.91
C HIS B 45 -7.84 0.97 -10.73
N GLY B 46 -6.70 0.41 -11.12
CA GLY B 46 -6.70 -0.81 -11.91
C GLY B 46 -6.11 -0.53 -13.27
N ASP B 47 -4.86 -0.95 -13.50
CA ASP B 47 -4.15 -0.68 -14.76
C ASP B 47 -4.80 -1.04 -16.10
N VAL B 48 -5.17 -2.30 -16.30
CA VAL B 48 -5.77 -2.69 -17.57
C VAL B 48 -7.20 -2.19 -17.74
N GLN B 49 -7.98 -2.14 -16.67
CA GLN B 49 -9.35 -1.68 -16.78
C GLN B 49 -9.42 -0.20 -17.18
N VAL B 50 -8.56 0.63 -16.58
CA VAL B 50 -8.54 2.06 -16.90
C VAL B 50 -7.94 2.26 -18.30
N ALA B 51 -6.82 1.58 -18.59
CA ALA B 51 -6.19 1.69 -19.91
C ALA B 51 -7.21 1.45 -21.04
N ARG B 52 -7.92 0.33 -20.96
CA ARG B 52 -8.93 -0.04 -21.96
C ARG B 52 -9.99 1.05 -22.15
N THR B 53 -10.51 1.57 -21.04
CA THR B 53 -11.51 2.63 -21.09
C THR B 53 -10.91 3.89 -21.73
N ALA B 54 -9.73 4.28 -21.27
CA ALA B 54 -9.04 5.46 -21.80
C ALA B 54 -8.86 5.40 -23.31
N LEU B 55 -8.47 4.23 -23.82
CA LEU B 55 -8.28 4.05 -25.25
C LEU B 55 -9.62 4.08 -25.99
N GLU B 56 -10.68 3.67 -25.30
CA GLU B 56 -12.04 3.66 -25.88
C GLU B 56 -12.53 5.09 -26.00
N ALA B 57 -12.18 5.91 -25.01
CA ALA B 57 -12.59 7.30 -24.93
C ALA B 57 -11.82 8.23 -25.86
N GLY B 58 -10.69 7.78 -26.38
CA GLY B 58 -9.94 8.64 -27.27
C GLY B 58 -8.43 8.68 -27.10
N ALA B 59 -7.92 8.03 -26.05
CA ALA B 59 -6.47 7.99 -25.82
C ALA B 59 -5.87 7.05 -26.85
N SER B 60 -4.65 7.32 -27.27
CA SER B 60 -4.02 6.47 -28.27
C SER B 60 -2.72 5.85 -27.77
N ARG B 61 -2.26 6.31 -26.62
CA ARG B 61 -1.02 5.79 -26.03
C ARG B 61 -1.17 5.69 -24.53
N LEU B 62 -0.24 4.98 -23.91
CA LEU B 62 -0.23 4.78 -22.48
C LEU B 62 1.15 5.06 -21.93
N ALA B 63 1.24 5.42 -20.66
CA ALA B 63 2.52 5.68 -20.01
C ALA B 63 2.54 5.03 -18.63
N VAL B 64 3.67 4.42 -18.27
CA VAL B 64 3.82 3.81 -16.96
C VAL B 64 5.12 4.31 -16.35
N ALA B 65 5.34 4.01 -15.08
CA ALA B 65 6.55 4.47 -14.39
C ALA B 65 7.81 3.68 -14.70
N PHE B 66 7.71 2.35 -14.68
CA PHE B 66 8.88 1.52 -14.96
C PHE B 66 8.53 0.29 -15.80
N LEU B 67 9.56 -0.39 -16.32
CA LEU B 67 9.38 -1.55 -17.20
C LEU B 67 8.38 -2.62 -16.74
N ASP B 68 8.47 -3.04 -15.47
CA ASP B 68 7.55 -4.06 -14.98
C ASP B 68 6.09 -3.72 -15.23
N GLU B 69 5.74 -2.45 -15.07
CA GLU B 69 4.37 -2.01 -15.28
C GLU B 69 3.94 -2.15 -16.73
N ALA B 70 4.82 -1.82 -17.66
CA ALA B 70 4.52 -1.92 -19.09
C ALA B 70 4.36 -3.37 -19.55
N LEU B 71 5.20 -4.25 -19.01
CA LEU B 71 5.17 -5.66 -19.35
C LEU B 71 3.88 -6.30 -18.87
N ALA B 72 3.40 -5.86 -17.71
CA ALA B 72 2.15 -6.39 -17.17
C ALA B 72 0.94 -6.02 -18.02
N LEU B 73 0.98 -4.87 -18.67
CA LEU B 73 -0.12 -4.45 -19.53
C LEU B 73 -0.14 -5.30 -20.79
N ARG B 74 1.05 -5.54 -21.34
CA ARG B 74 1.19 -6.34 -22.55
C ARG B 74 0.66 -7.76 -22.26
N GLU B 75 0.96 -8.23 -21.06
CA GLU B 75 0.53 -9.55 -20.63
C GLU B 75 -0.97 -9.60 -20.48
N LYS B 76 -1.56 -8.50 -20.02
CA LYS B 76 -3.00 -8.46 -19.84
C LYS B 76 -3.72 -8.19 -21.15
N GLY B 77 -2.97 -8.21 -22.25
CA GLY B 77 -3.56 -8.02 -23.56
C GLY B 77 -3.57 -6.64 -24.20
N ILE B 78 -2.84 -5.69 -23.63
CA ILE B 78 -2.80 -4.33 -24.19
C ILE B 78 -1.78 -4.24 -25.33
N GLU B 79 -2.23 -3.82 -26.52
CA GLU B 79 -1.35 -3.71 -27.68
C GLU B 79 -0.94 -2.31 -28.05
N ALA B 80 -1.51 -1.31 -27.38
CA ALA B 80 -1.21 0.08 -27.66
C ALA B 80 0.22 0.45 -27.30
N PRO B 81 0.73 1.53 -27.90
CA PRO B 81 2.09 1.96 -27.58
C PRO B 81 2.13 2.35 -26.11
N ILE B 82 3.24 1.99 -25.46
CA ILE B 82 3.44 2.26 -24.05
C ILE B 82 4.80 2.92 -23.84
N LEU B 83 4.82 4.04 -23.11
CA LEU B 83 6.06 4.73 -22.82
C LEU B 83 6.43 4.56 -21.35
N VAL B 84 7.68 4.19 -21.09
CA VAL B 84 8.18 4.06 -19.72
C VAL B 84 8.77 5.45 -19.41
N LEU B 85 8.12 6.15 -18.50
CA LEU B 85 8.53 7.51 -18.12
C LEU B 85 9.81 7.60 -17.28
N GLY B 86 10.05 6.60 -16.45
CA GLY B 86 11.24 6.61 -15.60
C GLY B 86 12.46 5.91 -16.16
N ALA B 87 13.39 5.56 -15.27
CA ALA B 87 14.61 4.90 -15.69
C ALA B 87 14.41 3.41 -15.93
N SER B 88 15.38 2.81 -16.61
CA SER B 88 15.38 1.38 -16.91
C SER B 88 16.81 0.95 -17.10
N ARG B 89 17.05 -0.35 -17.15
CA ARG B 89 18.40 -0.86 -17.34
C ARG B 89 18.76 -0.99 -18.81
N PRO B 90 20.00 -0.65 -19.17
CA PRO B 90 20.47 -0.75 -20.55
C PRO B 90 20.39 -2.20 -21.04
N ALA B 91 20.53 -3.14 -20.12
CA ALA B 91 20.46 -4.56 -20.45
C ALA B 91 19.06 -4.95 -20.85
N ASP B 92 18.07 -4.22 -20.33
CA ASP B 92 16.67 -4.50 -20.63
C ASP B 92 16.17 -3.89 -21.93
N ALA B 93 17.05 -3.20 -22.64
CA ALA B 93 16.69 -2.57 -23.91
C ALA B 93 16.11 -3.56 -24.93
N ALA B 94 16.66 -4.76 -24.99
CA ALA B 94 16.20 -5.78 -25.94
C ALA B 94 14.78 -6.25 -25.62
N LEU B 95 14.47 -6.44 -24.35
CA LEU B 95 13.15 -6.88 -23.94
C LEU B 95 12.11 -5.82 -24.28
N ALA B 96 12.44 -4.57 -24.01
CA ALA B 96 11.55 -3.45 -24.31
C ALA B 96 11.27 -3.38 -25.82
N ALA B 97 12.34 -3.53 -26.61
CA ALA B 97 12.26 -3.49 -28.06
C ALA B 97 11.37 -4.59 -28.60
N GLN B 98 11.52 -5.79 -28.05
CA GLN B 98 10.73 -6.91 -28.50
C GLN B 98 9.27 -6.79 -28.10
N GLN B 99 9.01 -6.08 -27.00
CA GLN B 99 7.66 -5.87 -26.52
C GLN B 99 7.03 -4.56 -27.01
N ARG B 100 7.75 -3.84 -27.86
CA ARG B 100 7.26 -2.57 -28.41
C ARG B 100 6.99 -1.56 -27.31
N ILE B 101 7.99 -1.36 -26.45
CA ILE B 101 7.88 -0.42 -25.34
C ILE B 101 8.89 0.71 -25.50
N ALA B 102 8.39 1.94 -25.64
CA ALA B 102 9.27 3.11 -25.79
C ALA B 102 9.91 3.44 -24.45
N LEU B 103 11.17 3.89 -24.49
CA LEU B 103 11.91 4.22 -23.28
C LEU B 103 12.34 5.67 -23.19
N THR B 104 12.42 6.15 -21.95
CA THR B 104 12.86 7.51 -21.70
C THR B 104 14.36 7.46 -21.52
N VAL B 105 15.06 8.39 -22.15
CA VAL B 105 16.51 8.44 -22.04
C VAL B 105 16.90 9.88 -21.70
N PHE B 106 17.95 10.03 -20.89
CA PHE B 106 18.41 11.36 -20.46
C PHE B 106 19.91 11.38 -20.14
N ARG B 107 20.60 10.28 -20.42
CA ARG B 107 22.03 10.20 -20.17
C ARG B 107 22.73 9.55 -21.36
N SER B 108 23.92 10.03 -21.68
CA SER B 108 24.66 9.47 -22.80
C SER B 108 25.37 8.17 -22.41
N ASP B 109 25.76 8.03 -21.15
CA ASP B 109 26.45 6.82 -20.72
C ASP B 109 25.52 5.61 -20.69
N TRP B 110 24.21 5.86 -20.67
CA TRP B 110 23.23 4.77 -20.67
C TRP B 110 23.21 4.19 -22.08
N LEU B 111 23.19 5.08 -23.06
CA LEU B 111 23.17 4.70 -24.48
C LEU B 111 24.47 4.01 -24.86
N GLU B 112 25.57 4.47 -24.26
CA GLU B 112 26.87 3.87 -24.54
C GLU B 112 26.74 2.40 -24.18
N GLU B 113 26.15 2.12 -23.02
CA GLU B 113 25.99 0.75 -22.57
C GLU B 113 24.99 -0.05 -23.38
N ALA B 114 23.82 0.52 -23.67
CA ALA B 114 22.81 -0.20 -24.43
C ALA B 114 23.23 -0.52 -25.87
N SER B 115 24.06 0.34 -26.46
CA SER B 115 24.53 0.12 -27.83
C SER B 115 25.38 -1.14 -27.95
N ALA B 116 26.18 -1.41 -26.94
CA ALA B 116 27.04 -2.58 -26.94
C ALA B 116 26.27 -3.86 -26.68
N LEU B 117 25.15 -3.75 -25.95
CA LEU B 117 24.35 -4.92 -25.63
C LEU B 117 23.26 -5.21 -26.66
N TYR B 118 22.83 -4.21 -27.43
CA TYR B 118 21.78 -4.42 -28.43
C TYR B 118 22.28 -4.27 -29.87
N SER B 119 21.73 -5.09 -30.77
CA SER B 119 22.13 -5.08 -32.18
C SER B 119 21.04 -5.58 -33.16
N GLY B 120 19.79 -5.19 -32.94
CA GLY B 120 18.72 -5.63 -33.85
C GLY B 120 18.02 -6.91 -33.44
N PRO B 121 16.95 -7.30 -34.15
CA PRO B 121 16.39 -6.62 -35.33
C PRO B 121 15.26 -5.63 -35.02
N PHE B 122 14.77 -5.64 -33.79
CA PHE B 122 13.70 -4.75 -33.43
C PHE B 122 14.20 -3.36 -33.07
N PRO B 123 13.45 -2.33 -33.45
CA PRO B 123 13.82 -0.94 -33.16
C PRO B 123 13.38 -0.52 -31.76
N ILE B 124 14.19 0.30 -31.12
CA ILE B 124 13.85 0.82 -29.80
C ILE B 124 13.57 2.30 -30.01
N HIS B 125 12.37 2.71 -29.62
CA HIS B 125 11.94 4.10 -29.74
C HIS B 125 12.26 4.81 -28.45
N PHE B 126 12.99 5.91 -28.56
CA PHE B 126 13.38 6.69 -27.40
C PHE B 126 12.66 8.03 -27.33
N HIS B 127 12.44 8.49 -26.11
CA HIS B 127 11.83 9.78 -25.84
C HIS B 127 12.87 10.44 -24.94
N LEU B 128 13.52 11.48 -25.48
CA LEU B 128 14.55 12.21 -24.73
C LEU B 128 13.89 13.13 -23.70
N KCX B 129 14.27 12.99 -22.43
CA KCX B 129 13.73 13.81 -21.34
CB KCX B 129 13.58 12.98 -20.05
CG KCX B 129 13.14 13.75 -18.78
CD KCX B 129 11.64 14.10 -18.89
CE KCX B 129 10.88 14.05 -17.61
NZ KCX B 129 11.56 14.47 -16.43
C KCX B 129 14.67 15.00 -21.10
O KCX B 129 15.88 14.84 -20.95
CX KCX B 129 11.02 14.36 -15.26
OQ1 KCX B 129 11.69 14.64 -14.26
OQ2 KCX B 129 9.83 14.11 -15.30
N MET B 130 14.09 16.19 -21.09
CA MET B 130 14.82 17.42 -20.84
C MET B 130 14.35 18.00 -19.50
N ASP B 131 15.31 18.38 -18.67
CA ASP B 131 15.00 18.98 -17.38
C ASP B 131 14.97 20.51 -17.59
N THR B 132 13.81 21.11 -17.37
CA THR B 132 13.64 22.55 -17.54
C THR B 132 13.30 23.30 -16.25
N GLY B 133 13.41 22.61 -15.11
CA GLY B 133 13.10 23.24 -13.84
C GLY B 133 12.47 22.34 -12.79
N MET B 134 12.29 21.06 -13.11
CA MET B 134 11.69 20.13 -12.16
C MET B 134 12.78 19.50 -11.28
N GLY B 135 14.00 19.40 -11.82
CA GLY B 135 15.11 18.84 -11.09
C GLY B 135 15.09 17.33 -10.84
N ARG B 136 14.19 16.63 -11.52
CA ARG B 136 14.01 15.18 -11.38
C ARG B 136 14.90 14.41 -12.36
N LEU B 137 14.37 14.15 -13.54
CA LEU B 137 15.12 13.45 -14.59
C LEU B 137 15.22 14.38 -15.78
N GLY B 138 16.20 14.14 -16.64
CA GLY B 138 16.35 14.97 -17.82
C GLY B 138 17.72 15.56 -18.05
N VAL B 139 18.01 15.83 -19.32
CA VAL B 139 19.27 16.41 -19.71
C VAL B 139 19.18 17.92 -19.41
N LYS B 140 20.32 18.56 -19.17
CA LYS B 140 20.33 19.98 -18.84
C LYS B 140 21.25 20.86 -19.68
N ASP B 141 22.06 20.28 -20.55
CA ASP B 141 22.96 21.08 -21.36
C ASP B 141 23.06 20.63 -22.80
N GLU B 142 23.46 21.55 -23.66
CA GLU B 142 23.56 21.30 -25.09
C GLU B 142 24.43 20.13 -25.58
N GLU B 143 25.67 20.07 -25.11
CA GLU B 143 26.57 19.01 -25.54
C GLU B 143 26.05 17.61 -25.22
N GLU B 144 25.51 17.44 -24.03
CA GLU B 144 24.97 16.15 -23.63
C GLU B 144 23.78 15.82 -24.54
N THR B 145 22.97 16.84 -24.85
CA THR B 145 21.81 16.65 -25.72
C THR B 145 22.22 16.20 -27.10
N LYS B 146 23.29 16.79 -27.62
CA LYS B 146 23.77 16.46 -28.96
C LYS B 146 24.46 15.10 -29.00
N ARG B 147 25.17 14.77 -27.92
CA ARG B 147 25.87 13.50 -27.84
C ARG B 147 24.84 12.36 -27.88
N ILE B 148 23.79 12.54 -27.11
CA ILE B 148 22.72 11.56 -27.01
C ILE B 148 22.09 11.33 -28.39
N VAL B 149 21.78 12.43 -29.07
CA VAL B 149 21.17 12.35 -30.38
C VAL B 149 22.10 11.67 -31.36
N ALA B 150 23.40 11.94 -31.22
CA ALA B 150 24.40 11.36 -32.09
C ALA B 150 24.50 9.84 -31.92
N LEU B 151 24.53 9.38 -30.67
CA LEU B 151 24.61 7.95 -30.40
C LEU B 151 23.37 7.24 -30.93
N ILE B 152 22.22 7.89 -30.79
CA ILE B 152 20.97 7.32 -31.27
C ILE B 152 21.01 7.29 -32.79
N GLU B 153 21.58 8.33 -33.37
CA GLU B 153 21.68 8.45 -34.82
C GLU B 153 22.52 7.36 -35.46
N ARG B 154 23.67 7.05 -34.87
CA ARG B 154 24.53 6.03 -35.47
C ARG B 154 24.12 4.58 -35.26
N HIS B 155 23.28 4.29 -34.28
CA HIS B 155 22.84 2.91 -34.09
C HIS B 155 21.61 2.74 -34.98
N PRO B 156 21.62 1.74 -35.86
CA PRO B 156 20.52 1.43 -36.80
C PRO B 156 19.17 1.07 -36.22
N HIS B 157 19.14 0.58 -34.98
CA HIS B 157 17.89 0.19 -34.36
C HIS B 157 17.40 1.09 -33.23
N PHE B 158 18.11 2.19 -33.03
CA PHE B 158 17.75 3.16 -32.00
C PHE B 158 17.00 4.25 -32.73
N VAL B 159 15.84 4.63 -32.20
CA VAL B 159 15.05 5.67 -32.85
C VAL B 159 14.56 6.74 -31.87
N LEU B 160 14.76 8.00 -32.23
CA LEU B 160 14.30 9.10 -31.40
C LEU B 160 12.86 9.40 -31.79
N GLU B 161 11.91 8.85 -31.05
CA GLU B 161 10.52 9.05 -31.37
C GLU B 161 9.94 10.33 -30.79
N GLY B 162 10.50 10.79 -29.68
CA GLY B 162 9.97 11.99 -29.09
C GLY B 162 10.91 12.62 -28.11
N LEU B 163 10.47 13.77 -27.59
CA LEU B 163 11.27 14.46 -26.59
C LEU B 163 10.27 15.22 -25.76
N TYR B 164 10.55 15.34 -24.47
CA TYR B 164 9.63 16.02 -23.61
C TYR B 164 10.24 16.60 -22.35
N THR B 165 9.38 17.23 -21.56
CA THR B 165 9.79 17.78 -20.30
C THR B 165 8.58 17.67 -19.39
N HIS B 166 8.74 18.10 -18.15
CA HIS B 166 7.68 18.02 -17.15
C HIS B 166 7.68 19.28 -16.28
N PHE B 167 6.50 19.79 -15.97
CA PHE B 167 6.37 21.00 -15.15
C PHE B 167 6.26 20.71 -13.67
N ALA B 168 6.86 21.58 -12.87
CA ALA B 168 6.85 21.46 -11.42
C ALA B 168 5.70 22.23 -10.78
N THR B 169 5.22 23.25 -11.48
CA THR B 169 4.16 24.10 -10.91
C THR B 169 2.98 24.41 -11.84
N ALA B 170 2.63 23.50 -12.74
CA ALA B 170 1.53 23.77 -13.66
C ALA B 170 0.21 23.95 -12.93
N ASP B 171 0.16 23.43 -11.71
CA ASP B 171 -1.06 23.49 -10.90
C ASP B 171 -1.20 24.71 -10.01
N GLU B 172 -0.20 25.58 -10.01
CA GLU B 172 -0.24 26.80 -9.21
C GLU B 172 -0.84 27.93 -10.03
N VAL B 173 -1.83 28.62 -9.45
CA VAL B 173 -2.49 29.72 -10.16
C VAL B 173 -1.47 30.68 -10.75
N ASN B 174 -0.42 30.98 -9.97
CA ASN B 174 0.63 31.86 -10.47
C ASN B 174 1.42 31.06 -11.51
N THR B 175 1.55 31.61 -12.71
CA THR B 175 2.25 30.92 -13.79
C THR B 175 3.68 31.36 -14.04
N ASP B 176 4.26 32.05 -13.07
CA ASP B 176 5.64 32.53 -13.18
C ASP B 176 6.63 31.42 -13.54
N TYR B 177 6.73 30.42 -12.67
CA TYR B 177 7.66 29.32 -12.91
C TYR B 177 7.28 28.50 -14.14
N PHE B 178 5.98 28.30 -14.35
CA PHE B 178 5.49 27.56 -15.49
C PHE B 178 6.01 28.20 -16.77
N SER B 179 5.84 29.53 -16.85
CA SER B 179 6.29 30.30 -18.01
C SER B 179 7.77 30.15 -18.19
N TYR B 180 8.50 30.14 -17.09
CA TYR B 180 9.95 30.00 -17.16
C TYR B 180 10.31 28.66 -17.80
N GLN B 181 9.69 27.59 -17.32
CA GLN B 181 9.94 26.25 -17.84
C GLN B 181 9.54 26.11 -19.30
N TYR B 182 8.36 26.63 -19.64
CA TYR B 182 7.86 26.56 -21.02
C TYR B 182 8.84 27.20 -21.99
N THR B 183 9.34 28.37 -21.61
CA THR B 183 10.30 29.12 -22.41
C THR B 183 11.63 28.37 -22.50
N ARG B 184 12.05 27.79 -21.39
CA ARG B 184 13.30 27.04 -21.37
C ARG B 184 13.19 25.85 -22.32
N PHE B 185 12.04 25.19 -22.31
CA PHE B 185 11.81 24.03 -23.18
C PHE B 185 12.00 24.45 -24.62
N LEU B 186 11.41 25.57 -25.00
CA LEU B 186 11.50 26.10 -26.35
C LEU B 186 12.94 26.40 -26.74
N HIS B 187 13.73 26.85 -25.78
CA HIS B 187 15.12 27.16 -26.03
C HIS B 187 15.90 25.88 -26.23
N MET B 188 15.64 24.90 -25.37
CA MET B 188 16.34 23.64 -25.46
C MET B 188 15.97 22.88 -26.74
N LEU B 189 14.74 23.04 -27.21
CA LEU B 189 14.31 22.36 -28.43
C LEU B 189 15.19 22.71 -29.63
N GLU B 190 15.81 23.88 -29.59
CA GLU B 190 16.66 24.32 -30.68
C GLU B 190 18.01 23.59 -30.67
N TRP B 191 18.27 22.83 -29.62
CA TRP B 191 19.53 22.10 -29.53
C TRP B 191 19.45 20.83 -30.38
N LEU B 192 18.24 20.47 -30.79
CA LEU B 192 18.04 19.29 -31.61
C LEU B 192 18.10 19.69 -33.07
N PRO B 193 18.90 18.97 -33.87
CA PRO B 193 19.06 19.23 -35.31
C PRO B 193 17.75 19.16 -36.09
N SER B 194 16.96 18.11 -35.81
CA SER B 194 15.65 17.91 -36.43
C SER B 194 14.66 17.61 -35.30
N ARG B 195 13.38 17.89 -35.52
CA ARG B 195 12.34 17.67 -34.50
C ARG B 195 11.75 16.26 -34.54
N PRO B 196 11.76 15.58 -33.39
CA PRO B 196 11.18 14.23 -33.43
C PRO B 196 9.68 14.30 -33.69
N PRO B 197 9.08 13.21 -34.18
CA PRO B 197 7.64 13.28 -34.43
C PRO B 197 6.79 13.69 -33.24
N LEU B 198 7.19 13.33 -32.03
CA LEU B 198 6.40 13.69 -30.87
C LEU B 198 7.11 14.62 -29.89
N VAL B 199 6.46 15.74 -29.59
CA VAL B 199 6.98 16.72 -28.64
C VAL B 199 5.87 16.87 -27.61
N HIS B 200 6.18 16.64 -26.34
CA HIS B 200 5.15 16.77 -25.33
C HIS B 200 5.71 17.39 -24.06
N CYS B 201 4.82 17.99 -23.28
CA CYS B 201 5.26 18.65 -22.05
C CYS B 201 4.17 18.74 -20.99
N ALA B 202 2.91 18.72 -21.44
CA ALA B 202 1.75 18.87 -20.57
C ALA B 202 1.25 17.66 -19.81
N ASN B 203 0.94 17.90 -18.54
CA ASN B 203 0.37 16.91 -17.63
C ASN B 203 -1.10 17.33 -17.57
N SER B 204 -1.85 16.85 -16.58
CA SER B 204 -3.27 17.22 -16.48
C SER B 204 -3.51 18.74 -16.33
N ALA B 205 -2.84 19.37 -15.37
CA ALA B 205 -3.02 20.81 -15.15
C ALA B 205 -2.67 21.67 -16.36
N ALA B 206 -1.48 21.47 -16.92
CA ALA B 206 -1.04 22.26 -18.06
C ALA B 206 -1.96 22.12 -19.27
N SER B 207 -2.44 20.91 -19.53
CA SER B 207 -3.31 20.69 -20.68
C SER B 207 -4.76 21.14 -20.49
N LEU B 208 -5.22 21.19 -19.25
CA LEU B 208 -6.60 21.60 -18.99
C LEU B 208 -6.68 23.13 -18.97
N ARG B 209 -5.54 23.76 -18.67
CA ARG B 209 -5.44 25.21 -18.60
C ARG B 209 -4.97 25.88 -19.90
N PHE B 210 -4.01 25.27 -20.58
CA PHE B 210 -3.49 25.82 -21.82
C PHE B 210 -3.41 24.74 -22.90
N PRO B 211 -4.58 24.27 -23.38
CA PRO B 211 -4.69 23.23 -24.40
C PRO B 211 -4.06 23.62 -25.73
N ASP B 212 -3.78 24.89 -25.91
CA ASP B 212 -3.18 25.39 -27.14
C ASP B 212 -1.64 25.40 -27.12
N ARG B 213 -1.05 25.19 -25.94
CA ARG B 213 0.40 25.17 -25.81
C ARG B 213 0.87 23.78 -25.40
N THR B 214 0.23 22.77 -25.98
CA THR B 214 0.55 21.38 -25.66
C THR B 214 1.33 20.60 -26.72
N PHE B 215 1.67 21.24 -27.83
CA PHE B 215 2.39 20.56 -28.91
C PHE B 215 1.56 19.41 -29.48
N ASN B 216 2.13 18.24 -29.75
CA ASN B 216 1.27 17.18 -30.33
C ASN B 216 0.88 16.00 -29.45
N MET B 217 1.29 16.00 -28.19
CA MET B 217 0.89 14.92 -27.31
C MET B 217 0.83 15.39 -25.86
N VAL B 218 -0.23 14.95 -25.19
CA VAL B 218 -0.48 15.29 -23.80
C VAL B 218 -0.42 14.03 -22.91
N ARG B 219 0.08 14.18 -21.68
CA ARG B 219 0.18 13.07 -20.73
C ARG B 219 -0.84 13.28 -19.62
N PHE B 220 -2.05 12.76 -19.84
CA PHE B 220 -3.19 12.90 -18.93
C PHE B 220 -3.20 11.90 -17.77
N GLY B 221 -3.05 12.41 -16.56
CA GLY B 221 -3.05 11.56 -15.39
C GLY B 221 -4.19 11.79 -14.41
N ILE B 222 -3.86 12.39 -13.27
CA ILE B 222 -4.83 12.65 -12.21
C ILE B 222 -6.25 13.05 -12.64
N ALA B 223 -6.38 13.95 -13.61
CA ALA B 223 -7.72 14.38 -14.03
C ALA B 223 -8.52 13.27 -14.70
N MET B 224 -7.83 12.27 -15.25
CA MET B 224 -8.53 11.15 -15.88
C MET B 224 -9.40 10.43 -14.84
N TYR B 225 -8.93 10.46 -13.60
CA TYR B 225 -9.60 9.82 -12.48
C TYR B 225 -10.66 10.70 -11.83
N GLY B 226 -10.87 11.88 -12.42
CA GLY B 226 -11.87 12.81 -11.90
C GLY B 226 -11.41 13.59 -10.70
N LEU B 227 -10.09 13.69 -10.51
CA LEU B 227 -9.51 14.40 -9.39
C LEU B 227 -8.80 15.68 -9.86
N ALA B 228 -9.08 16.79 -9.21
CA ALA B 228 -8.47 18.05 -9.59
C ALA B 228 -6.96 18.06 -9.32
N PRO B 229 -6.16 18.47 -10.31
CA PRO B 229 -4.70 18.49 -10.14
C PRO B 229 -4.26 19.22 -8.86
N SER B 230 -5.01 20.25 -8.49
CA SER B 230 -4.70 21.03 -7.30
C SER B 230 -5.95 21.75 -6.89
N PRO B 231 -6.00 22.17 -5.63
CA PRO B 231 -7.17 22.91 -5.09
C PRO B 231 -7.37 24.29 -5.73
N GLY B 232 -6.28 24.99 -5.91
CA GLY B 232 -6.33 26.32 -6.49
C GLY B 232 -6.73 26.38 -7.95
N ILE B 233 -6.49 25.29 -8.65
CA ILE B 233 -6.81 25.22 -10.07
C ILE B 233 -8.27 24.81 -10.36
N LYS B 234 -9.00 24.39 -9.33
CA LYS B 234 -10.38 23.94 -9.45
C LYS B 234 -11.41 24.77 -10.23
N PRO B 235 -11.54 26.06 -9.91
CA PRO B 235 -12.53 26.84 -10.67
C PRO B 235 -12.09 27.15 -12.09
N LEU B 236 -10.80 26.96 -12.36
CA LEU B 236 -10.26 27.22 -13.68
C LEU B 236 -10.43 26.04 -14.63
N LEU B 237 -11.01 24.93 -14.15
CA LEU B 237 -11.20 23.75 -14.98
C LEU B 237 -12.29 23.97 -16.03
N PRO B 238 -11.99 23.62 -17.28
CA PRO B 238 -12.86 23.76 -18.46
C PRO B 238 -14.14 22.94 -18.40
N TYR B 239 -14.04 21.73 -17.89
CA TYR B 239 -15.24 20.91 -17.78
C TYR B 239 -15.25 20.23 -16.42
N PRO B 240 -16.44 19.79 -15.99
CA PRO B 240 -16.58 19.13 -14.70
C PRO B 240 -16.00 17.73 -14.69
N LEU B 241 -15.20 17.47 -13.66
CA LEU B 241 -14.54 16.19 -13.46
C LEU B 241 -15.46 15.25 -12.71
N LYS B 242 -15.45 13.98 -13.09
CA LYS B 242 -16.27 12.98 -12.42
C LYS B 242 -15.37 12.04 -11.63
N GLU B 243 -15.48 12.08 -10.30
CA GLU B 243 -14.67 11.23 -9.43
C GLU B 243 -15.06 9.76 -9.66
N ALA B 244 -14.06 8.93 -9.91
CA ALA B 244 -14.30 7.52 -10.20
C ALA B 244 -14.17 6.54 -9.03
N PHE B 245 -13.45 6.93 -7.98
CA PHE B 245 -13.18 6.07 -6.83
C PHE B 245 -14.03 6.25 -5.56
N SER B 246 -14.57 5.14 -5.04
CA SER B 246 -15.34 5.15 -3.79
C SER B 246 -14.84 3.93 -3.00
N LEU B 247 -15.00 3.97 -1.68
CA LEU B 247 -14.53 2.89 -0.80
C LEU B 247 -15.60 2.57 0.22
N HIS B 248 -15.94 1.28 0.35
CA HIS B 248 -16.99 0.88 1.26
C HIS B 248 -16.67 -0.32 2.16
N SER B 249 -17.52 -0.51 3.17
CA SER B 249 -17.40 -1.61 4.11
C SER B 249 -18.78 -1.91 4.72
N ARG B 250 -18.79 -2.70 5.77
CA ARG B 250 -20.04 -3.07 6.44
C ARG B 250 -19.78 -3.36 7.90
N LEU B 251 -20.76 -3.09 8.73
CA LEU B 251 -20.61 -3.37 10.15
C LEU B 251 -20.56 -4.89 10.32
N VAL B 252 -19.57 -5.39 11.04
CA VAL B 252 -19.45 -6.83 11.27
C VAL B 252 -19.78 -7.11 12.73
N HIS B 253 -19.84 -6.04 13.52
CA HIS B 253 -20.17 -6.15 14.93
C HIS B 253 -20.76 -4.84 15.43
N VAL B 254 -21.83 -4.96 16.23
CA VAL B 254 -22.52 -3.81 16.82
C VAL B 254 -22.71 -4.14 18.29
N LYS B 255 -22.49 -3.17 19.17
CA LYS B 255 -22.65 -3.41 20.60
C LYS B 255 -22.84 -2.09 21.37
N LYS B 256 -23.41 -2.20 22.57
CA LYS B 256 -23.63 -1.03 23.42
C LYS B 256 -22.64 -1.02 24.57
N LEU B 257 -21.93 0.08 24.73
CA LEU B 257 -20.96 0.23 25.81
C LEU B 257 -21.61 0.99 26.95
N GLN B 258 -21.06 0.80 28.15
CA GLN B 258 -21.56 1.47 29.33
C GLN B 258 -20.54 2.54 29.67
N PRO B 259 -21.00 3.64 30.29
CA PRO B 259 -20.06 4.70 30.64
C PRO B 259 -18.82 4.16 31.33
N GLY B 260 -17.65 4.57 30.84
CA GLY B 260 -16.40 4.12 31.45
C GLY B 260 -15.63 3.06 30.70
N GLU B 261 -16.28 2.38 29.77
CA GLU B 261 -15.62 1.34 29.00
C GLU B 261 -14.70 1.95 27.95
N LYS B 262 -13.50 1.41 27.84
CA LYS B 262 -12.50 1.90 26.90
C LYS B 262 -12.49 1.16 25.57
N VAL B 263 -12.00 1.83 24.54
CA VAL B 263 -11.95 1.24 23.22
C VAL B 263 -10.59 1.29 22.54
N SER B 264 -10.24 0.18 21.91
CA SER B 264 -8.99 0.00 21.15
C SER B 264 -7.67 0.08 21.90
N TYR B 265 -6.59 -0.05 21.14
CA TYR B 265 -5.21 -0.03 21.64
C TYR B 265 -4.93 1.21 22.48
N GLY B 266 -4.16 1.02 23.55
CA GLY B 266 -3.82 2.12 24.43
C GLY B 266 -5.01 2.53 25.27
N ALA B 267 -6.17 1.98 24.96
CA ALA B 267 -7.40 2.32 25.67
C ALA B 267 -7.51 3.84 25.75
N THR B 268 -7.27 4.49 24.61
CA THR B 268 -7.31 5.95 24.52
C THR B 268 -8.70 6.56 24.51
N TYR B 269 -9.71 5.76 24.19
CA TYR B 269 -11.08 6.25 24.13
C TYR B 269 -11.97 5.66 25.23
N THR B 270 -12.73 6.53 25.90
CA THR B 270 -13.63 6.12 26.98
C THR B 270 -15.06 6.54 26.66
N ALA B 271 -16.00 5.60 26.71
CA ALA B 271 -17.40 5.93 26.46
C ALA B 271 -17.81 6.81 27.64
N GLN B 272 -18.38 7.97 27.36
CA GLN B 272 -18.77 8.88 28.44
C GLN B 272 -20.21 8.62 28.85
N THR B 273 -20.98 8.12 27.92
CA THR B 273 -22.37 7.80 28.14
C THR B 273 -22.59 6.44 27.49
N GLU B 274 -23.83 5.97 27.46
CA GLU B 274 -24.16 4.68 26.84
C GLU B 274 -24.10 4.83 25.31
N GLU B 275 -23.04 4.32 24.69
CA GLU B 275 -22.95 4.44 23.24
C GLU B 275 -22.89 3.14 22.48
N TRP B 276 -23.48 3.16 21.29
CA TRP B 276 -23.48 2.02 20.40
C TRP B 276 -22.21 2.10 19.55
N ILE B 277 -21.38 1.07 19.62
CA ILE B 277 -20.14 1.05 18.87
C ILE B 277 -20.19 0.01 17.75
N GLY B 278 -19.79 0.44 16.56
CA GLY B 278 -19.77 -0.45 15.42
C GLY B 278 -18.34 -0.80 15.07
N THR B 279 -18.12 -2.01 14.54
CA THR B 279 -16.77 -2.43 14.14
C THR B 279 -16.83 -2.76 12.66
N ILE B 280 -15.88 -2.21 11.90
CA ILE B 280 -15.83 -2.46 10.47
C ILE B 280 -14.49 -3.10 10.17
N PRO B 281 -14.46 -3.98 9.16
CA PRO B 281 -13.25 -4.69 8.76
C PRO B 281 -12.34 -3.98 7.76
N ILE B 282 -11.66 -2.94 8.21
CA ILE B 282 -10.71 -2.20 7.39
C ILE B 282 -9.77 -1.50 8.36
N GLY B 283 -8.47 -1.54 8.09
CA GLY B 283 -7.51 -0.92 8.99
C GLY B 283 -6.38 -0.29 8.21
N TYR B 284 -5.26 -0.01 8.87
CA TYR B 284 -4.15 0.61 8.18
C TYR B 284 -3.44 -0.25 7.13
N ALA B 285 -3.54 -1.57 7.26
CA ALA B 285 -2.91 -2.46 6.27
C ALA B 285 -3.71 -2.42 4.97
N ASP B 286 -4.84 -1.74 5.01
CA ASP B 286 -5.71 -1.59 3.85
C ASP B 286 -5.53 -0.19 3.25
N GLY B 287 -4.65 0.60 3.87
CA GLY B 287 -4.41 1.94 3.39
C GLY B 287 -5.13 2.99 4.22
N TRP B 288 -6.04 2.55 5.10
CA TRP B 288 -6.77 3.48 5.97
C TRP B 288 -5.84 3.74 7.15
N LEU B 289 -4.87 4.61 6.92
CA LEU B 289 -3.85 4.95 7.90
C LEU B 289 -4.29 5.38 9.29
N ARG B 290 -3.43 5.11 10.27
CA ARG B 290 -3.68 5.44 11.67
C ARG B 290 -3.93 6.93 11.88
N ARG B 291 -3.39 7.76 10.98
CA ARG B 291 -3.57 9.21 11.07
C ARG B 291 -5.01 9.63 10.83
N LEU B 292 -5.86 8.69 10.41
CA LEU B 292 -7.26 9.00 10.14
C LEU B 292 -8.10 8.77 11.39
N GLN B 293 -7.43 8.73 12.53
CA GLN B 293 -8.01 8.51 13.85
C GLN B 293 -9.13 9.44 14.26
N HIS B 294 -9.05 10.70 13.86
CA HIS B 294 -10.06 11.69 14.23
C HIS B 294 -11.01 12.02 13.11
N PHE B 295 -11.01 11.17 12.07
CA PHE B 295 -11.87 11.33 10.91
C PHE B 295 -13.23 10.65 11.14
N HIS B 296 -14.07 10.63 10.12
CA HIS B 296 -15.39 10.01 10.22
C HIS B 296 -15.67 9.19 8.97
N VAL B 297 -16.75 8.42 9.02
CA VAL B 297 -17.19 7.60 7.90
C VAL B 297 -18.69 7.81 7.80
N LEU B 298 -19.29 7.45 6.68
CA LEU B 298 -20.73 7.63 6.55
C LEU B 298 -21.44 6.33 6.86
N VAL B 299 -22.53 6.43 7.60
CA VAL B 299 -23.33 5.28 7.98
C VAL B 299 -24.77 5.73 8.01
N ASP B 300 -25.59 5.09 7.18
CA ASP B 300 -27.01 5.42 7.14
C ASP B 300 -27.19 6.91 6.80
N GLY B 301 -26.43 7.38 5.84
CA GLY B 301 -26.52 8.78 5.45
C GLY B 301 -26.07 9.77 6.52
N GLN B 302 -25.44 9.26 7.57
CA GLN B 302 -25.00 10.12 8.66
C GLN B 302 -23.52 9.98 8.96
N LYS B 303 -22.93 11.03 9.50
CA LYS B 303 -21.52 11.02 9.86
C LYS B 303 -21.31 10.30 11.18
N ALA B 304 -20.41 9.32 11.18
CA ALA B 304 -20.08 8.55 12.39
C ALA B 304 -18.58 8.67 12.60
N PRO B 305 -18.15 9.19 13.76
CA PRO B 305 -16.72 9.34 14.02
C PRO B 305 -16.02 8.05 14.42
N ILE B 306 -14.78 7.91 13.97
CA ILE B 306 -14.00 6.75 14.30
C ILE B 306 -13.61 6.98 15.76
N VAL B 307 -13.72 5.94 16.60
CA VAL B 307 -13.35 6.09 17.99
C VAL B 307 -12.16 5.19 18.36
N GLY B 308 -11.20 5.76 19.09
CA GLY B 308 -10.02 5.03 19.50
C GLY B 308 -9.04 4.90 18.34
N ARG B 309 -7.94 4.21 18.58
CA ARG B 309 -6.94 4.02 17.54
C ARG B 309 -7.41 3.07 16.44
N ILE B 310 -6.87 3.27 15.24
CA ILE B 310 -7.22 2.41 14.13
C ILE B 310 -6.32 1.17 14.19
N CYS B 311 -6.88 -0.01 13.93
CA CYS B 311 -6.08 -1.22 13.98
C CYS B 311 -5.61 -1.62 12.58
N MET B 312 -4.76 -2.62 12.49
CA MET B 312 -4.23 -3.07 11.21
C MET B 312 -5.32 -3.49 10.24
N ASP B 313 -6.34 -4.20 10.73
CA ASP B 313 -7.40 -4.69 9.86
C ASP B 313 -8.82 -4.27 10.25
N GLN B 314 -8.95 -3.53 11.34
CA GLN B 314 -10.27 -3.08 11.82
C GLN B 314 -10.22 -1.75 12.54
N CYS B 315 -11.38 -1.12 12.66
CA CYS B 315 -11.48 0.13 13.40
C CYS B 315 -12.92 0.25 13.88
N MET B 316 -13.11 1.04 14.93
CA MET B 316 -14.42 1.24 15.53
C MET B 316 -14.95 2.65 15.30
N ILE B 317 -16.27 2.79 15.35
CA ILE B 317 -16.92 4.08 15.14
C ILE B 317 -18.13 4.20 16.05
N ARG B 318 -18.48 5.43 16.41
CA ARG B 318 -19.64 5.65 17.25
C ARG B 318 -20.85 5.73 16.32
N LEU B 319 -21.84 4.88 16.57
CA LEU B 319 -23.05 4.85 15.76
C LEU B 319 -24.16 5.71 16.37
N PRO B 320 -25.07 6.20 15.51
CA PRO B 320 -26.20 7.04 15.92
C PRO B 320 -27.19 6.28 16.79
N GLY B 321 -26.98 4.97 16.87
CA GLY B 321 -27.83 4.13 17.66
C GLY B 321 -27.68 2.67 17.28
N PRO B 322 -28.59 1.79 17.71
CA PRO B 322 -28.43 0.39 17.32
C PRO B 322 -28.72 0.23 15.84
N LEU B 323 -27.70 -0.25 15.12
CA LEU B 323 -27.83 -0.50 13.70
C LEU B 323 -27.58 -2.00 13.47
N PRO B 324 -28.19 -2.57 12.43
CA PRO B 324 -28.00 -3.99 12.13
C PRO B 324 -26.65 -4.32 11.55
N VAL B 325 -26.09 -5.43 11.99
CA VAL B 325 -24.81 -5.86 11.47
C VAL B 325 -25.04 -5.99 9.96
N GLY B 326 -24.06 -5.61 9.16
CA GLY B 326 -24.20 -5.67 7.71
C GLY B 326 -24.62 -4.35 7.09
N THR B 327 -24.85 -3.33 7.91
CA THR B 327 -25.24 -2.01 7.40
C THR B 327 -24.06 -1.44 6.62
N LYS B 328 -24.30 -0.98 5.40
CA LYS B 328 -23.21 -0.43 4.61
C LYS B 328 -22.58 0.81 5.20
N VAL B 329 -21.26 0.86 5.17
CA VAL B 329 -20.50 2.01 5.66
C VAL B 329 -19.70 2.54 4.46
N THR B 330 -19.68 3.86 4.30
CA THR B 330 -18.96 4.47 3.19
C THR B 330 -17.82 5.32 3.73
N LEU B 331 -16.60 4.99 3.31
CA LEU B 331 -15.40 5.69 3.75
C LEU B 331 -15.03 6.82 2.81
N ILE B 332 -15.22 6.60 1.51
CA ILE B 332 -14.97 7.61 0.50
C ILE B 332 -16.14 7.48 -0.46
N GLY B 333 -17.00 8.49 -0.49
CA GLY B 333 -18.15 8.45 -1.37
C GLY B 333 -19.35 9.16 -0.80
N ARG B 334 -20.49 8.95 -1.43
CA ARG B 334 -21.72 9.60 -1.01
C ARG B 334 -22.77 8.64 -0.48
N GLN B 335 -23.41 9.06 0.60
CA GLN B 335 -24.49 8.28 1.17
C GLN B 335 -25.58 9.30 1.40
N GLY B 336 -26.51 9.38 0.45
CA GLY B 336 -27.59 10.33 0.54
C GLY B 336 -27.15 11.76 0.27
N ASP B 337 -27.26 12.60 1.30
CA ASP B 337 -26.91 14.01 1.22
C ASP B 337 -25.46 14.23 1.61
N GLU B 338 -24.91 13.29 2.35
CA GLU B 338 -23.54 13.40 2.79
C GLU B 338 -22.60 12.79 1.77
N VAL B 339 -21.36 13.24 1.79
CA VAL B 339 -20.35 12.74 0.89
C VAL B 339 -18.96 12.99 1.49
N ILE B 340 -18.03 12.07 1.21
CA ILE B 340 -16.66 12.17 1.68
C ILE B 340 -15.84 12.00 0.40
N SER B 341 -15.10 13.03 0.02
CA SER B 341 -14.31 12.94 -1.19
C SER B 341 -12.87 12.58 -0.85
N ILE B 342 -12.09 12.25 -1.86
CA ILE B 342 -10.70 11.92 -1.64
C ILE B 342 -9.96 13.15 -1.14
N ASP B 343 -10.42 14.33 -1.56
CA ASP B 343 -9.82 15.60 -1.14
C ASP B 343 -10.04 15.79 0.36
N ASP B 344 -11.17 15.32 0.87
CA ASP B 344 -11.48 15.42 2.29
C ASP B 344 -10.51 14.54 3.04
N VAL B 345 -10.33 13.33 2.55
CA VAL B 345 -9.41 12.39 3.18
C VAL B 345 -7.99 12.94 3.07
N ALA B 346 -7.65 13.46 1.90
CA ALA B 346 -6.32 14.01 1.69
C ALA B 346 -6.02 15.11 2.71
N ARG B 347 -7.02 15.97 2.96
CA ARG B 347 -6.85 17.07 3.90
C ARG B 347 -6.53 16.57 5.31
N HIS B 348 -7.27 15.57 5.78
CA HIS B 348 -7.05 15.03 7.11
C HIS B 348 -5.74 14.25 7.23
N LEU B 349 -5.27 13.72 6.10
CA LEU B 349 -4.01 12.99 6.06
C LEU B 349 -2.90 13.99 5.80
N GLU B 350 -3.28 15.22 5.47
CA GLU B 350 -2.31 16.28 5.17
C GLU B 350 -1.41 15.90 4.00
N THR B 351 -2.04 15.51 2.89
CA THR B 351 -1.29 15.13 1.71
C THR B 351 -2.15 15.54 0.50
N ILE B 352 -1.76 15.14 -0.72
CA ILE B 352 -2.55 15.49 -1.91
C ILE B 352 -3.44 14.31 -2.29
N ASN B 353 -4.48 14.57 -3.09
CA ASN B 353 -5.40 13.52 -3.48
C ASN B 353 -4.73 12.35 -4.21
N TYR B 354 -3.63 12.65 -4.89
CA TYR B 354 -2.85 11.65 -5.63
C TYR B 354 -2.49 10.44 -4.75
N GLU B 355 -1.96 10.72 -3.56
CA GLU B 355 -1.51 9.70 -2.63
C GLU B 355 -2.57 8.79 -2.01
N VAL B 356 -3.82 9.23 -1.97
CA VAL B 356 -4.87 8.42 -1.35
C VAL B 356 -5.23 7.12 -2.08
N PRO B 357 -5.70 7.19 -3.34
CA PRO B 357 -6.03 5.90 -3.97
C PRO B 357 -4.84 4.94 -4.09
N CYS B 358 -3.64 5.47 -4.24
CA CYS B 358 -2.43 4.67 -4.36
C CYS B 358 -2.12 3.90 -3.08
N THR B 359 -2.57 4.42 -1.94
CA THR B 359 -2.32 3.77 -0.67
C THR B 359 -3.37 2.74 -0.28
N ILE B 360 -4.53 2.77 -0.94
CA ILE B 360 -5.54 1.76 -0.67
C ILE B 360 -4.82 0.54 -1.24
N SER B 361 -4.41 -0.37 -0.35
CA SER B 361 -3.61 -1.53 -0.74
C SER B 361 -4.20 -2.66 -1.59
N TYR B 362 -3.31 -3.56 -1.96
CA TYR B 362 -3.62 -4.74 -2.77
C TYR B 362 -4.69 -5.62 -2.10
N ARG B 363 -4.82 -5.48 -0.79
CA ARG B 363 -5.78 -6.25 0.02
C ARG B 363 -7.25 -5.94 -0.31
N VAL B 364 -7.51 -4.72 -0.78
CA VAL B 364 -8.87 -4.30 -1.10
C VAL B 364 -9.27 -4.59 -2.54
N PRO B 365 -10.33 -5.40 -2.73
CA PRO B 365 -10.76 -5.69 -4.10
C PRO B 365 -11.33 -4.47 -4.81
N ARG B 366 -11.22 -4.45 -6.13
CA ARG B 366 -11.76 -3.35 -6.93
C ARG B 366 -12.91 -3.91 -7.77
N ILE B 367 -14.07 -3.29 -7.66
CA ILE B 367 -15.24 -3.70 -8.41
C ILE B 367 -15.43 -2.64 -9.46
N PHE B 368 -15.40 -3.05 -10.72
CA PHE B 368 -15.52 -2.13 -11.83
C PHE B 368 -16.93 -2.03 -12.39
N PHE B 369 -17.37 -0.80 -12.58
CA PHE B 369 -18.69 -0.54 -13.12
C PHE B 369 -18.59 0.13 -14.48
N ARG B 370 -19.41 -0.33 -15.40
CA ARG B 370 -19.43 0.23 -16.74
C ARG B 370 -20.87 0.14 -17.17
N HIS B 371 -21.39 1.25 -17.68
CA HIS B 371 -22.78 1.33 -18.15
C HIS B 371 -23.70 1.01 -16.98
N LYS B 372 -23.27 1.41 -15.79
CA LYS B 372 -24.02 1.21 -14.56
C LYS B 372 -24.22 -0.24 -14.17
N ARG B 373 -23.37 -1.11 -14.72
CA ARG B 373 -23.43 -2.53 -14.42
C ARG B 373 -22.06 -2.92 -13.92
N ILE B 374 -22.01 -3.93 -13.06
CA ILE B 374 -20.72 -4.41 -12.57
C ILE B 374 -20.05 -5.13 -13.74
N MET B 375 -18.87 -4.66 -14.09
CA MET B 375 -18.12 -5.24 -15.20
C MET B 375 -17.25 -6.37 -14.72
N GLU B 376 -16.36 -6.10 -13.78
CA GLU B 376 -15.52 -7.14 -13.19
C GLU B 376 -15.21 -6.85 -11.76
N VAL B 377 -14.63 -7.86 -11.11
CA VAL B 377 -14.19 -7.77 -9.73
C VAL B 377 -12.73 -8.22 -9.79
N ARG B 378 -11.87 -7.43 -9.17
CA ARG B 378 -10.45 -7.70 -9.15
C ARG B 378 -9.94 -7.78 -7.73
N ASN B 379 -9.69 -9.01 -7.27
CA ASN B 379 -9.18 -9.28 -5.94
C ASN B 379 -7.74 -9.76 -6.15
N ALA B 380 -6.77 -8.92 -5.80
CA ALA B 380 -5.36 -9.27 -6.00
C ALA B 380 -4.84 -10.47 -5.22
N ILE B 381 -5.59 -10.92 -4.21
CA ILE B 381 -5.17 -12.07 -3.41
C ILE B 381 -6.21 -13.19 -3.42
N1 PLP C . -3.79 -11.37 18.20
C2 PLP C . -4.77 -10.88 17.38
C2A PLP C . -6.21 -11.05 17.77
C3 PLP C . -4.46 -10.07 16.27
O3 PLP C . -5.54 -9.51 15.59
C4 PLP C . -3.11 -9.77 15.96
C4A PLP C . -2.79 -8.95 14.76
C5 PLP C . -2.17 -10.29 16.80
C6 PLP C . -2.50 -11.05 17.90
C5A PLP C . -0.74 -10.03 16.72
O4P PLP C . -0.34 -8.85 17.51
P PLP C . 1.13 -8.36 17.73
O1P PLP C . 1.73 -8.10 16.39
O2P PLP C . 0.90 -7.13 18.51
O3P PLP C . 1.78 -9.46 18.49
C1 PPI D . 4.08 12.09 -9.69
C2 PPI D . 2.63 12.03 -10.03
C3 PPI D . 2.25 13.11 -11.03
O1 PPI D . 4.91 12.18 -10.61
O2 PPI D . 4.40 12.07 -8.48
C1 PPI E . -3.58 -4.82 15.12
C2 PPI E . -2.20 -5.32 15.46
C3 PPI E . -1.40 -5.65 14.22
O1 PPI E . -3.69 -3.73 14.53
O2 PPI E . -4.57 -5.53 15.42
N1 PLP F . 3.91 13.30 -16.92
C2 PLP F . 4.81 12.65 -16.16
C2A PLP F . 6.31 12.71 -16.57
C3 PLP F . 4.40 11.90 -15.07
O3 PLP F . 5.40 11.35 -14.23
C4 PLP F . 3.07 11.77 -14.75
C4A PLP F . 2.80 10.97 -13.53
C5 PLP F . 2.15 12.50 -15.49
C6 PLP F . 2.58 13.25 -16.56
C5A PLP F . 0.77 12.60 -15.13
O4P PLP F . 0.57 13.77 -14.28
P PLP F . -0.88 14.17 -13.67
O1P PLP F . -1.43 13.00 -12.98
O2P PLP F . -0.49 15.22 -12.74
O3P PLP F . -1.63 14.58 -14.87
#